data_3OLJ
#
_entry.id   3OLJ
#
_cell.length_a   109.908
_cell.length_b   109.725
_cell.length_c   174.056
_cell.angle_alpha   90.00
_cell.angle_beta   90.00
_cell.angle_gamma   90.00
#
_symmetry.space_group_name_H-M   'P 21 21 21'
#
loop_
_entity.id
_entity.type
_entity.pdbx_description
1 polymer 'Ribonucleoside-diphosphate reductase subunit M2'
2 non-polymer 'SODIUM ION'
3 water water
#
_entity_poly.entity_id   1
_entity_poly.type   'polypeptide(L)'
_entity_poly.pdbx_seq_one_letter_code
;MGVEDEPLLRENPRRFVIFPIEYHDIWQMYKKAEASFWTAEEVDLSKDIQHWESLKPEERYFISHVLAFFAASDGIVNEN
LVERFSQEVQITEARCFYGFQIAMENIHSEMYSLLIDTYIKDPKEREFLFNAIETMPCVKKKADWALRWIGDKEATYGER
VVAFAAVEGIFFSGSFASIFWLKKRGLMPGLTFSNELISRDEGLHCDFACLMFKHLVHKPSEERVREIIINAVRIEQEFL
TEALPVKLIGMNCTLMKQYIEFVADRLMLELGFSKVFRVENPFDFM
;
_entity_poly.pdbx_strand_id   A,B,C,D
#
loop_
_chem_comp.id
_chem_comp.type
_chem_comp.name
_chem_comp.formula
NA non-polymer 'SODIUM ION' 'Na 1'
#
# COMPACT_ATOMS: atom_id res chain seq x y z
N MET A 1 43.95 -31.09 2.92
CA MET A 1 42.84 -30.59 2.06
C MET A 1 41.55 -31.37 2.41
N GLY A 2 40.46 -31.26 1.63
CA GLY A 2 40.32 -30.41 0.44
C GLY A 2 39.59 -29.11 0.71
N VAL A 3 38.68 -29.14 1.71
CA VAL A 3 37.88 -27.97 2.11
C VAL A 3 38.47 -27.22 3.33
N GLU A 4 39.19 -27.94 4.20
CA GLU A 4 39.68 -27.39 5.47
C GLU A 4 40.83 -26.40 5.30
N ASP A 5 41.33 -26.27 4.08
CA ASP A 5 42.29 -25.22 3.74
C ASP A 5 41.66 -23.96 3.10
N GLU A 6 40.33 -23.95 3.00
CA GLU A 6 39.60 -22.81 2.40
C GLU A 6 38.94 -21.97 3.48
N PRO A 7 39.40 -20.73 3.65
CA PRO A 7 38.87 -19.81 4.66
C PRO A 7 37.34 -19.59 4.55
N LEU A 8 36.83 -19.57 3.32
CA LEU A 8 35.40 -19.42 3.09
C LEU A 8 34.61 -20.65 3.55
N LEU A 9 35.24 -21.81 3.53
CA LEU A 9 34.55 -23.08 3.69
C LEU A 9 34.91 -23.88 4.95
N ARG A 10 36.02 -23.52 5.59
CA ARG A 10 36.52 -24.27 6.75
C ARG A 10 35.75 -23.91 8.02
N GLU A 11 35.89 -24.77 9.03
CA GLU A 11 35.18 -24.63 10.30
C GLU A 11 35.39 -23.27 10.92
N ASN A 12 34.26 -22.61 11.21
CA ASN A 12 34.27 -21.33 11.89
C ASN A 12 33.35 -21.39 13.12
N PRO A 13 33.94 -21.58 14.32
CA PRO A 13 33.10 -21.61 15.53
C PRO A 13 32.38 -20.28 15.80
N ARG A 14 32.83 -19.21 15.15
CA ARG A 14 32.23 -17.89 15.35
C ARG A 14 31.19 -17.55 14.27
N ARG A 15 30.77 -18.54 13.49
CA ARG A 15 29.97 -18.27 12.29
C ARG A 15 28.63 -17.58 12.53
N PHE A 16 28.01 -17.85 13.69
CA PHE A 16 26.73 -17.25 14.02
C PHE A 16 26.87 -16.05 14.94
N VAL A 17 28.11 -15.66 15.24
CA VAL A 17 28.37 -14.45 16.00
C VAL A 17 28.70 -13.39 14.99
N ILE A 18 28.06 -12.24 15.08
CA ILE A 18 28.14 -11.29 13.99
C ILE A 18 29.44 -10.46 14.00
N PHE A 19 29.83 -9.98 15.18
CA PHE A 19 31.00 -9.10 15.30
C PHE A 19 32.19 -9.81 15.96
N PRO A 20 33.42 -9.27 15.79
CA PRO A 20 33.71 -8.14 14.92
C PRO A 20 33.77 -8.55 13.45
N ILE A 21 33.56 -7.58 12.57
CA ILE A 21 33.68 -7.79 11.14
C ILE A 21 35.16 -7.96 10.80
N GLU A 22 35.49 -9.04 10.10
CA GLU A 22 36.87 -9.30 9.69
C GLU A 22 37.04 -9.25 8.18
N TYR A 23 35.98 -9.54 7.42
CA TYR A 23 36.04 -9.44 5.97
C TYR A 23 35.22 -8.25 5.56
N HIS A 24 35.88 -7.09 5.52
CA HIS A 24 35.24 -5.81 5.28
C HIS A 24 34.71 -5.65 3.87
N ASP A 25 35.38 -6.28 2.91
CA ASP A 25 34.93 -6.24 1.51
C ASP A 25 33.61 -7.02 1.33
N ILE A 26 33.54 -8.21 1.90
CA ILE A 26 32.32 -9.03 1.87
C ILE A 26 31.20 -8.32 2.62
N TRP A 27 31.54 -7.79 3.78
CA TRP A 27 30.59 -7.07 4.60
C TRP A 27 30.00 -5.84 3.92
N GLN A 28 30.83 -5.10 3.18
CA GLN A 28 30.37 -3.90 2.49
C GLN A 28 29.36 -4.22 1.39
N MET A 29 29.53 -5.36 0.75
CA MET A 29 28.56 -5.82 -0.24
C MET A 29 27.19 -6.16 0.38
N TYR A 30 27.22 -6.77 1.57
CA TYR A 30 25.99 -7.00 2.33
C TYR A 30 25.32 -5.68 2.71
N LYS A 31 26.11 -4.72 3.18
CA LYS A 31 25.60 -3.40 3.53
C LYS A 31 24.99 -2.69 2.32
N LYS A 32 25.62 -2.85 1.16
CA LYS A 32 25.10 -2.30 -0.09
C LYS A 32 23.77 -2.98 -0.42
N ALA A 33 23.71 -4.31 -0.29
CA ALA A 33 22.45 -5.04 -0.52
C ALA A 33 21.34 -4.50 0.39
N GLU A 34 21.62 -4.48 1.68
CA GLU A 34 20.71 -4.02 2.72
C GLU A 34 20.17 -2.59 2.49
N ALA A 35 21.04 -1.72 1.94
CA ALA A 35 20.72 -0.32 1.71
C ALA A 35 19.85 -0.15 0.48
N SER A 36 19.79 -1.16 -0.35
CA SER A 36 18.97 -1.06 -1.54
C SER A 36 17.68 -1.90 -1.45
N PHE A 37 17.29 -2.30 -0.23
CA PHE A 37 16.04 -3.01 0.02
C PHE A 37 14.85 -2.29 -0.61
N TRP A 38 13.95 -3.06 -1.21
CA TRP A 38 12.70 -2.54 -1.77
C TRP A 38 11.71 -3.68 -1.80
N THR A 39 10.43 -3.34 -1.94
CA THR A 39 9.35 -4.33 -2.00
C THR A 39 8.51 -4.09 -3.26
N ALA A 40 7.77 -5.13 -3.68
CA ALA A 40 6.94 -5.02 -4.87
C ALA A 40 5.92 -3.88 -4.75
N GLU A 41 5.48 -3.62 -3.50
CA GLU A 41 4.47 -2.61 -3.22
C GLU A 41 4.90 -1.20 -3.57
N GLU A 42 6.19 -1.00 -3.80
CA GLU A 42 6.73 0.30 -4.13
C GLU A 42 6.66 0.55 -5.62
N VAL A 43 6.32 -0.48 -6.39
CA VAL A 43 6.30 -0.36 -7.83
C VAL A 43 4.84 -0.16 -8.30
N ASP A 44 4.59 0.96 -8.96
CA ASP A 44 3.26 1.30 -9.46
C ASP A 44 3.07 0.70 -10.86
N LEU A 45 2.15 -0.26 -10.97
CA LEU A 45 1.85 -0.91 -12.25
C LEU A 45 0.61 -0.32 -12.97
N SER A 46 -0.09 0.60 -12.30
CA SER A 46 -1.38 1.14 -12.76
C SER A 46 -1.36 1.80 -14.14
N LYS A 47 -0.20 2.30 -14.57
CA LYS A 47 -0.09 3.02 -15.83
C LYS A 47 0.45 2.16 -16.96
N ASP A 48 0.43 0.84 -16.77
CA ASP A 48 1.00 -0.07 -17.74
C ASP A 48 -0.03 -0.66 -18.70
N ILE A 49 -1.29 -0.77 -18.27
CA ILE A 49 -2.32 -1.58 -18.97
C ILE A 49 -2.60 -1.05 -20.36
N GLN A 50 -2.69 0.26 -20.47
CA GLN A 50 -2.96 0.92 -21.74
C GLN A 50 -1.90 0.57 -22.78
N HIS A 51 -0.63 0.73 -22.41
CA HIS A 51 0.50 0.29 -23.24
C HIS A 51 0.46 -1.22 -23.57
N TRP A 52 0.23 -2.04 -22.54
CA TRP A 52 0.11 -3.50 -22.68
C TRP A 52 -0.91 -3.86 -23.76
N GLU A 53 -2.09 -3.26 -23.68
CA GLU A 53 -3.17 -3.54 -24.63
C GLU A 53 -2.88 -3.05 -26.06
N SER A 54 -1.99 -2.07 -26.20
CA SER A 54 -1.64 -1.53 -27.51
C SER A 54 -0.56 -2.31 -28.27
N LEU A 55 0.07 -3.29 -27.62
CA LEU A 55 1.08 -4.12 -28.27
C LEU A 55 0.46 -5.11 -29.24
N LYS A 56 1.26 -5.64 -30.14
CA LYS A 56 0.86 -6.78 -30.96
C LYS A 56 0.75 -8.04 -30.09
N PRO A 57 -0.09 -9.01 -30.50
CA PRO A 57 -0.25 -10.21 -29.67
C PRO A 57 1.07 -10.93 -29.35
N GLU A 58 2.02 -10.91 -30.30
CA GLU A 58 3.26 -11.66 -30.12
C GLU A 58 4.26 -10.90 -29.21
N GLU A 59 4.05 -9.60 -29.04
CA GLU A 59 4.80 -8.84 -28.05
C GLU A 59 4.32 -9.19 -26.64
N ARG A 60 3.01 -9.26 -26.46
CA ARG A 60 2.46 -9.75 -25.22
C ARG A 60 2.91 -11.19 -24.90
N TYR A 61 2.90 -12.07 -25.91
CA TYR A 61 3.45 -13.42 -25.78
C TYR A 61 4.91 -13.39 -25.29
N PHE A 62 5.75 -12.61 -25.97
CA PHE A 62 7.16 -12.50 -25.60
C PHE A 62 7.35 -12.05 -24.13
N ILE A 63 6.62 -11.01 -23.75
CA ILE A 63 6.79 -10.41 -22.43
C ILE A 63 6.37 -11.38 -21.34
N SER A 64 5.20 -12.00 -21.50
CA SER A 64 4.67 -12.90 -20.48
C SER A 64 5.60 -14.10 -20.28
N HIS A 65 6.21 -14.57 -21.36
CA HIS A 65 7.14 -15.68 -21.29
C HIS A 65 8.46 -15.29 -20.65
N VAL A 66 8.94 -14.08 -20.91
CA VAL A 66 10.10 -13.57 -20.17
C VAL A 66 9.79 -13.48 -18.67
N LEU A 67 8.61 -12.96 -18.34
CA LEU A 67 8.24 -12.83 -16.93
C LEU A 67 8.21 -14.21 -16.26
N ALA A 68 7.67 -15.19 -16.98
CA ALA A 68 7.49 -16.53 -16.43
C ALA A 68 8.85 -17.21 -16.27
N PHE A 69 9.74 -16.98 -17.23
CA PHE A 69 11.13 -17.45 -17.14
C PHE A 69 11.83 -16.86 -15.91
N PHE A 70 11.66 -15.57 -15.70
CA PHE A 70 12.30 -14.89 -14.56
C PHE A 70 11.80 -15.44 -13.23
N ALA A 71 10.48 -15.56 -13.10
CA ALA A 71 9.90 -16.04 -11.85
C ALA A 71 10.37 -17.47 -11.55
N ALA A 72 10.33 -18.35 -12.55
CA ALA A 72 10.85 -19.72 -12.38
C ALA A 72 12.34 -19.76 -12.00
N SER A 73 13.18 -19.05 -12.76
CA SER A 73 14.62 -19.04 -12.48
C SER A 73 14.94 -18.50 -11.10
N ASP A 74 14.19 -17.52 -10.64
CA ASP A 74 14.33 -17.04 -9.26
C ASP A 74 14.24 -18.16 -8.25
N GLY A 75 13.35 -19.11 -8.48
CA GLY A 75 13.17 -20.22 -7.53
C GLY A 75 14.32 -21.20 -7.55
N ILE A 76 15.01 -21.33 -8.68
CA ILE A 76 16.17 -22.21 -8.75
C ILE A 76 17.37 -21.55 -8.06
N VAL A 77 17.58 -20.26 -8.32
CA VAL A 77 18.63 -19.48 -7.64
C VAL A 77 18.38 -19.61 -6.13
N ASN A 78 17.13 -19.35 -5.73
CA ASN A 78 16.71 -19.44 -4.34
C ASN A 78 16.97 -20.82 -3.74
N GLU A 79 16.56 -21.86 -4.45
CA GLU A 79 16.81 -23.22 -3.97
C GLU A 79 18.31 -23.47 -3.68
N ASN A 80 19.15 -23.06 -4.63
CA ASN A 80 20.60 -23.20 -4.48
C ASN A 80 21.15 -22.44 -3.27
N LEU A 81 20.66 -21.22 -3.06
CA LEU A 81 21.10 -20.43 -1.92
C LEU A 81 20.70 -21.08 -0.60
N VAL A 82 19.45 -21.52 -0.51
CA VAL A 82 18.88 -22.11 0.71
C VAL A 82 19.54 -23.45 1.08
N GLU A 83 19.74 -24.31 0.07
CA GLU A 83 20.21 -25.66 0.30
C GLU A 83 21.73 -25.79 0.29
N ARG A 84 22.40 -24.89 -0.43
CA ARG A 84 23.82 -25.07 -0.67
C ARG A 84 24.64 -23.88 -0.22
N PHE A 85 24.62 -22.77 -0.95
CA PHE A 85 25.56 -21.67 -0.67
C PHE A 85 25.53 -21.17 0.77
N SER A 86 24.32 -20.87 1.26
CA SER A 86 24.15 -20.33 2.61
C SER A 86 24.53 -21.35 3.68
N GLN A 87 24.55 -22.63 3.32
CA GLN A 87 24.93 -23.66 4.26
C GLN A 87 26.44 -23.86 4.27
N GLU A 88 27.05 -23.95 3.09
CA GLU A 88 28.45 -24.38 2.97
C GLU A 88 29.48 -23.29 3.28
N VAL A 89 29.14 -22.04 2.99
CA VAL A 89 30.02 -20.91 3.29
C VAL A 89 29.95 -20.63 4.80
N GLN A 90 31.12 -20.55 5.44
CA GLN A 90 31.22 -20.52 6.91
C GLN A 90 31.57 -19.15 7.49
N ILE A 91 31.92 -18.20 6.62
CA ILE A 91 32.19 -16.86 7.07
C ILE A 91 30.87 -16.08 7.25
N THR A 92 30.76 -15.40 8.38
CA THR A 92 29.56 -14.70 8.79
C THR A 92 29.13 -13.66 7.76
N GLU A 93 30.10 -12.90 7.26
CA GLU A 93 29.81 -11.79 6.37
C GLU A 93 29.10 -12.26 5.11
N ALA A 94 29.52 -13.40 4.56
CA ALA A 94 28.94 -13.93 3.34
C ALA A 94 27.59 -14.58 3.64
N ARG A 95 27.51 -15.25 4.79
CA ARG A 95 26.27 -15.82 5.29
C ARG A 95 25.17 -14.72 5.39
N CYS A 96 25.53 -13.54 5.87
CA CYS A 96 24.61 -12.39 5.93
C CYS A 96 24.20 -11.94 4.54
N PHE A 97 25.16 -11.83 3.63
CA PHE A 97 24.83 -11.48 2.25
C PHE A 97 23.85 -12.48 1.64
N TYR A 98 24.13 -13.77 1.82
CA TYR A 98 23.32 -14.80 1.18
C TYR A 98 21.92 -14.85 1.81
N GLY A 99 21.85 -14.58 3.11
CA GLY A 99 20.57 -14.53 3.82
C GLY A 99 19.71 -13.43 3.22
N PHE A 100 20.33 -12.28 2.99
CA PHE A 100 19.64 -11.15 2.43
C PHE A 100 19.30 -11.37 0.95
N GLN A 101 20.17 -12.08 0.23
CA GLN A 101 19.88 -12.42 -1.14
C GLN A 101 18.65 -13.36 -1.26
N ILE A 102 18.50 -14.30 -0.34
CA ILE A 102 17.34 -15.19 -0.35
C ILE A 102 16.04 -14.35 -0.25
N ALA A 103 16.04 -13.41 0.68
CA ALA A 103 14.90 -12.53 0.90
C ALA A 103 14.59 -11.71 -0.34
N MET A 104 15.62 -11.15 -0.96
CA MET A 104 15.44 -10.35 -2.16
C MET A 104 14.95 -11.16 -3.36
N GLU A 105 15.39 -12.41 -3.46
CA GLU A 105 14.90 -13.28 -4.53
C GLU A 105 13.40 -13.55 -4.38
N ASN A 106 12.96 -13.67 -3.12
CA ASN A 106 11.53 -13.85 -2.85
C ASN A 106 10.75 -12.62 -3.24
N ILE A 107 11.37 -11.46 -3.06
CA ILE A 107 10.75 -10.21 -3.49
C ILE A 107 10.73 -10.11 -5.03
N HIS A 108 11.83 -10.48 -5.68
CA HIS A 108 11.87 -10.51 -7.15
C HIS A 108 10.75 -11.41 -7.72
N SER A 109 10.61 -12.57 -7.10
CA SER A 109 9.71 -13.60 -7.59
C SER A 109 8.27 -13.11 -7.41
N GLU A 110 7.98 -12.48 -6.28
CA GLU A 110 6.70 -11.84 -6.07
C GLU A 110 6.43 -10.74 -7.10
N MET A 111 7.43 -9.89 -7.34
CA MET A 111 7.31 -8.83 -8.34
C MET A 111 6.91 -9.38 -9.72
N TYR A 112 7.63 -10.42 -10.17
CA TYR A 112 7.36 -11.02 -11.46
C TYR A 112 5.96 -11.61 -11.51
N SER A 113 5.55 -12.24 -10.42
CA SER A 113 4.22 -12.86 -10.31
C SER A 113 3.08 -11.84 -10.26
N LEU A 114 3.33 -10.70 -9.63
CA LEU A 114 2.41 -9.56 -9.64
C LEU A 114 2.31 -8.90 -11.02
N LEU A 115 3.44 -8.80 -11.72
CA LEU A 115 3.42 -8.31 -13.11
C LEU A 115 2.54 -9.23 -13.96
N ILE A 116 2.69 -10.53 -13.79
CA ILE A 116 1.85 -11.51 -14.50
C ILE A 116 0.37 -11.34 -14.15
N ASP A 117 0.07 -11.27 -12.86
CA ASP A 117 -1.30 -11.13 -12.39
C ASP A 117 -1.97 -9.85 -12.88
N THR A 118 -1.20 -8.77 -12.96
CA THR A 118 -1.68 -7.49 -13.43
C THR A 118 -1.97 -7.50 -14.94
N TYR A 119 -1.10 -8.11 -15.72
CA TYR A 119 -1.26 -8.09 -17.17
C TYR A 119 -2.21 -9.17 -17.69
N ILE A 120 -2.26 -10.28 -16.96
CA ILE A 120 -2.97 -11.49 -17.39
C ILE A 120 -4.01 -11.81 -16.33
N LYS A 121 -5.28 -11.66 -16.71
CA LYS A 121 -6.39 -11.96 -15.82
C LYS A 121 -6.81 -13.42 -15.85
N ASP A 122 -6.72 -14.05 -17.02
CA ASP A 122 -7.16 -15.43 -17.19
C ASP A 122 -6.41 -16.38 -16.27
N PRO A 123 -7.12 -17.07 -15.36
CA PRO A 123 -6.50 -17.95 -14.35
C PRO A 123 -5.79 -19.16 -14.92
N LYS A 124 -6.22 -19.64 -16.08
CA LYS A 124 -5.53 -20.73 -16.77
C LYS A 124 -4.18 -20.28 -17.36
N GLU A 125 -4.15 -19.08 -17.93
CA GLU A 125 -2.93 -18.52 -18.46
C GLU A 125 -1.94 -18.21 -17.33
N ARG A 126 -2.42 -17.62 -16.24
CA ARG A 126 -1.57 -17.42 -15.06
C ARG A 126 -0.91 -18.73 -14.62
N GLU A 127 -1.71 -19.78 -14.44
CA GLU A 127 -1.21 -21.07 -13.95
C GLU A 127 -0.20 -21.71 -14.92
N PHE A 128 -0.47 -21.58 -16.21
CA PHE A 128 0.48 -21.97 -17.24
C PHE A 128 1.85 -21.28 -17.03
N LEU A 129 1.83 -19.99 -16.77
CA LEU A 129 3.03 -19.19 -16.66
C LEU A 129 3.77 -19.43 -15.34
N PHE A 130 3.04 -19.53 -14.23
CA PHE A 130 3.62 -19.84 -12.92
C PHE A 130 4.33 -21.21 -12.90
N ASN A 131 3.85 -22.15 -13.72
CA ASN A 131 4.43 -23.49 -13.79
C ASN A 131 5.34 -23.68 -15.00
N ALA A 132 5.97 -22.58 -15.43
CA ALA A 132 6.84 -22.54 -16.61
C ALA A 132 7.89 -23.67 -16.71
N ILE A 133 8.50 -24.05 -15.59
CA ILE A 133 9.49 -25.14 -15.63
C ILE A 133 8.84 -26.41 -16.25
N GLU A 134 7.58 -26.67 -15.92
CA GLU A 134 6.89 -27.84 -16.50
C GLU A 134 6.16 -27.62 -17.81
N THR A 135 5.76 -26.39 -18.07
CA THR A 135 4.81 -26.11 -19.14
C THR A 135 5.42 -25.41 -20.35
N MET A 136 6.63 -24.87 -20.20
CA MET A 136 7.17 -23.98 -21.22
C MET A 136 8.52 -24.50 -21.73
N PRO A 137 8.54 -25.09 -22.94
CA PRO A 137 9.77 -25.66 -23.49
C PRO A 137 10.94 -24.66 -23.56
N CYS A 138 10.64 -23.39 -23.81
CA CYS A 138 11.70 -22.39 -23.97
C CYS A 138 12.58 -22.19 -22.73
N VAL A 139 12.07 -22.56 -21.56
CA VAL A 139 12.86 -22.39 -20.34
C VAL A 139 13.60 -23.65 -19.94
N LYS A 140 13.32 -24.78 -20.61
CA LYS A 140 13.86 -26.08 -20.19
C LYS A 140 15.39 -26.16 -20.17
N LYS A 141 16.05 -25.70 -21.23
CA LYS A 141 17.52 -25.72 -21.29
C LYS A 141 18.15 -24.97 -20.11
N LYS A 142 17.72 -23.73 -19.88
CA LYS A 142 18.26 -22.95 -18.76
C LYS A 142 17.93 -23.53 -17.40
N ALA A 143 16.68 -23.92 -17.22
CA ALA A 143 16.25 -24.52 -15.96
C ALA A 143 17.05 -25.78 -15.63
N ASP A 144 17.12 -26.71 -16.59
CA ASP A 144 17.88 -27.96 -16.41
C ASP A 144 19.35 -27.68 -16.09
N TRP A 145 19.94 -26.72 -16.79
CA TRP A 145 21.36 -26.40 -16.63
C TRP A 145 21.61 -25.93 -15.21
N ALA A 146 20.84 -24.94 -14.78
CA ALA A 146 20.94 -24.41 -13.41
C ALA A 146 20.67 -25.48 -12.37
N LEU A 147 19.60 -26.26 -12.54
CA LEU A 147 19.28 -27.32 -11.58
C LEU A 147 20.36 -28.41 -11.45
N ARG A 148 21.05 -28.72 -12.56
CA ARG A 148 22.16 -29.70 -12.54
C ARG A 148 23.25 -29.30 -11.58
N TRP A 149 23.55 -28.01 -11.54
CA TRP A 149 24.57 -27.47 -10.63
C TRP A 149 24.18 -27.56 -9.16
N ILE A 150 22.88 -27.57 -8.86
CA ILE A 150 22.42 -27.77 -7.48
C ILE A 150 22.59 -29.23 -7.07
N GLY A 151 22.19 -30.14 -7.96
CA GLY A 151 22.25 -31.57 -7.69
C GLY A 151 23.63 -32.20 -7.85
N ASP A 152 24.57 -31.48 -8.46
CA ASP A 152 25.93 -31.98 -8.67
C ASP A 152 26.69 -32.13 -7.35
N LYS A 153 26.92 -33.37 -6.96
CA LYS A 153 27.50 -33.67 -5.64
C LYS A 153 29.03 -33.63 -5.67
N GLU A 154 29.61 -33.56 -6.86
CA GLU A 154 31.06 -33.53 -7.00
C GLU A 154 31.67 -32.15 -7.33
N ALA A 155 30.98 -31.33 -8.12
CA ALA A 155 31.50 -29.98 -8.45
C ALA A 155 31.81 -29.13 -7.20
N THR A 156 32.89 -28.36 -7.28
CA THR A 156 33.37 -27.57 -6.16
C THR A 156 32.52 -26.31 -5.99
N TYR A 157 32.61 -25.71 -4.81
CA TYR A 157 32.04 -24.39 -4.58
C TYR A 157 32.54 -23.41 -5.64
N GLY A 158 33.83 -23.49 -6.00
CA GLY A 158 34.40 -22.60 -7.00
C GLY A 158 33.72 -22.72 -8.36
N GLU A 159 33.40 -23.94 -8.76
CA GLU A 159 32.73 -24.16 -10.04
C GLU A 159 31.25 -23.76 -9.97
N ARG A 160 30.62 -24.03 -8.84
CA ARG A 160 29.21 -23.74 -8.68
C ARG A 160 28.92 -22.25 -8.54
N VAL A 161 29.83 -21.50 -7.91
CA VAL A 161 29.66 -20.07 -7.78
C VAL A 161 29.76 -19.39 -9.12
N VAL A 162 30.64 -19.91 -9.98
CA VAL A 162 30.76 -19.45 -11.35
C VAL A 162 29.47 -19.75 -12.12
N ALA A 163 28.99 -20.98 -11.98
CA ALA A 163 27.80 -21.43 -12.67
C ALA A 163 26.61 -20.52 -12.32
N PHE A 164 26.46 -20.21 -11.03
CA PHE A 164 25.35 -19.33 -10.64
C PHE A 164 25.52 -17.86 -10.97
N ALA A 165 26.78 -17.44 -11.10
CA ALA A 165 27.07 -16.11 -11.65
C ALA A 165 26.67 -16.09 -13.13
N ALA A 166 26.88 -17.20 -13.83
CA ALA A 166 26.42 -17.29 -15.21
C ALA A 166 24.88 -17.28 -15.27
N VAL A 167 24.23 -18.02 -14.38
CA VAL A 167 22.77 -17.95 -14.28
C VAL A 167 22.30 -16.51 -14.08
N GLU A 168 22.77 -15.85 -13.02
CA GLU A 168 22.27 -14.50 -12.71
C GLU A 168 22.81 -13.41 -13.63
N GLY A 169 23.94 -13.68 -14.29
CA GLY A 169 24.58 -12.66 -15.11
C GLY A 169 24.47 -12.88 -16.61
N ILE A 170 24.35 -14.11 -17.06
CA ILE A 170 24.28 -14.42 -18.49
C ILE A 170 22.86 -14.87 -18.87
N PHE A 171 22.29 -15.79 -18.09
CA PHE A 171 20.95 -16.32 -18.37
C PHE A 171 19.87 -15.22 -18.24
N PHE A 172 20.16 -14.18 -17.49
CA PHE A 172 19.22 -13.10 -17.30
C PHE A 172 19.46 -11.92 -18.24
N SER A 173 20.70 -11.80 -18.75
CA SER A 173 21.16 -10.61 -19.47
C SER A 173 20.28 -10.22 -20.67
N GLY A 174 19.96 -11.20 -21.52
CA GLY A 174 19.13 -10.96 -22.71
C GLY A 174 17.71 -10.49 -22.37
N SER A 175 17.12 -11.07 -21.33
CA SER A 175 15.78 -10.67 -20.91
C SER A 175 15.79 -9.27 -20.32
N PHE A 176 16.79 -8.98 -19.48
CA PHE A 176 16.95 -7.61 -18.96
C PHE A 176 17.09 -6.61 -20.12
N ALA A 177 17.92 -6.94 -21.10
CA ALA A 177 18.06 -6.05 -22.27
C ALA A 177 16.76 -5.91 -23.05
N SER A 178 15.97 -6.98 -23.15
CA SER A 178 14.64 -6.95 -23.76
C SER A 178 13.74 -5.92 -23.09
N ILE A 179 13.74 -5.92 -21.77
CA ILE A 179 12.92 -4.98 -21.04
C ILE A 179 13.48 -3.57 -21.13
N PHE A 180 14.81 -3.43 -21.09
CA PHE A 180 15.38 -2.11 -21.34
C PHE A 180 15.05 -1.56 -22.73
N TRP A 181 14.89 -2.45 -23.71
CA TRP A 181 14.44 -2.08 -25.05
C TRP A 181 13.04 -1.49 -25.01
N LEU A 182 12.16 -2.13 -24.24
CA LEU A 182 10.79 -1.64 -24.07
C LEU A 182 10.75 -0.26 -23.43
N LYS A 183 11.71 0.02 -22.55
CA LYS A 183 11.84 1.34 -21.96
C LYS A 183 12.21 2.37 -23.03
N LYS A 184 13.16 2.01 -23.89
CA LYS A 184 13.57 2.87 -24.99
C LYS A 184 12.39 3.21 -25.91
N ARG A 185 11.45 2.28 -26.00
CA ARG A 185 10.25 2.50 -26.80
C ARG A 185 9.19 3.29 -26.04
N GLY A 186 9.49 3.64 -24.79
CA GLY A 186 8.59 4.42 -23.93
C GLY A 186 7.40 3.64 -23.40
N LEU A 187 7.57 2.33 -23.28
CA LEU A 187 6.45 1.44 -22.96
C LEU A 187 6.50 0.84 -21.56
N MET A 188 5.35 0.87 -20.88
CA MET A 188 5.10 0.17 -19.61
C MET A 188 6.07 0.54 -18.48
N PRO A 189 5.84 1.71 -17.85
CA PRO A 189 6.79 2.25 -16.86
C PRO A 189 6.98 1.37 -15.63
N GLY A 190 5.90 0.73 -15.17
CA GLY A 190 5.97 -0.21 -14.04
C GLY A 190 6.92 -1.40 -14.27
N LEU A 191 6.71 -2.09 -15.39
CA LEU A 191 7.59 -3.16 -15.82
C LEU A 191 9.04 -2.69 -15.88
N THR A 192 9.29 -1.61 -16.59
CA THR A 192 10.66 -1.18 -16.84
C THR A 192 11.37 -0.65 -15.58
N PHE A 193 10.62 0.00 -14.68
CA PHE A 193 11.15 0.41 -13.38
C PHE A 193 11.50 -0.78 -12.48
N SER A 194 10.62 -1.77 -12.39
CA SER A 194 10.93 -2.97 -11.62
C SER A 194 12.13 -3.70 -12.21
N ASN A 195 12.21 -3.73 -13.53
CA ASN A 195 13.38 -4.24 -14.23
C ASN A 195 14.69 -3.53 -13.86
N GLU A 196 14.65 -2.21 -13.68
CA GLU A 196 15.85 -1.48 -13.26
C GLU A 196 16.29 -1.94 -11.88
N LEU A 197 15.34 -2.10 -10.97
CA LEU A 197 15.62 -2.48 -9.59
C LEU A 197 16.16 -3.90 -9.54
N ILE A 198 15.51 -4.79 -10.28
CA ILE A 198 15.91 -6.19 -10.28
C ILE A 198 17.25 -6.43 -11.00
N SER A 199 17.44 -5.83 -12.17
CA SER A 199 18.76 -5.97 -12.84
C SER A 199 19.90 -5.45 -11.98
N ARG A 200 19.67 -4.35 -11.26
CA ARG A 200 20.68 -3.83 -10.35
C ARG A 200 21.01 -4.84 -9.23
N ASP A 201 19.99 -5.44 -8.63
CA ASP A 201 20.17 -6.46 -7.59
C ASP A 201 20.95 -7.66 -8.13
N GLU A 202 20.54 -8.11 -9.31
CA GLU A 202 21.20 -9.24 -9.94
C GLU A 202 22.65 -8.93 -10.29
N GLY A 203 22.91 -7.70 -10.74
CA GLY A 203 24.27 -7.21 -10.94
C GLY A 203 25.10 -7.33 -9.66
N LEU A 204 24.54 -6.89 -8.53
CA LEU A 204 25.20 -7.02 -7.22
C LEU A 204 25.44 -8.48 -6.84
N HIS A 205 24.45 -9.34 -7.11
CA HIS A 205 24.57 -10.76 -6.81
C HIS A 205 25.71 -11.41 -7.60
N CYS A 206 25.89 -10.98 -8.85
CA CYS A 206 27.02 -11.42 -9.68
C CYS A 206 28.34 -10.85 -9.19
N ASP A 207 28.36 -9.58 -8.81
CA ASP A 207 29.57 -8.99 -8.23
C ASP A 207 29.99 -9.79 -6.97
N PHE A 208 29.01 -10.23 -6.19
CA PHE A 208 29.28 -10.93 -4.95
C PHE A 208 29.87 -12.30 -5.26
N ALA A 209 29.31 -12.97 -6.26
CA ALA A 209 29.86 -14.23 -6.71
C ALA A 209 31.35 -14.10 -7.09
N CYS A 210 31.70 -13.01 -7.79
CA CYS A 210 33.08 -12.78 -8.20
C CYS A 210 33.99 -12.54 -7.01
N LEU A 211 33.49 -11.77 -6.04
CA LEU A 211 34.21 -11.55 -4.78
C LEU A 211 34.48 -12.84 -4.01
N MET A 212 33.49 -13.71 -3.89
CA MET A 212 33.67 -15.02 -3.26
C MET A 212 34.75 -15.86 -3.99
N PHE A 213 34.65 -15.88 -5.32
CA PHE A 213 35.59 -16.59 -6.19
C PHE A 213 37.05 -16.13 -5.95
N LYS A 214 37.26 -14.82 -5.82
CA LYS A 214 38.57 -14.26 -5.55
C LYS A 214 39.10 -14.70 -4.19
N HIS A 215 38.19 -14.99 -3.26
CA HIS A 215 38.57 -15.40 -1.92
C HIS A 215 38.86 -16.89 -1.78
N LEU A 216 38.75 -17.62 -2.88
CA LEU A 216 39.07 -19.03 -2.89
C LEU A 216 40.56 -19.26 -3.13
N VAL A 217 41.10 -20.26 -2.44
CA VAL A 217 42.52 -20.63 -2.58
C VAL A 217 42.65 -21.56 -3.78
N HIS A 218 41.80 -22.58 -3.85
CA HIS A 218 41.78 -23.47 -5.00
C HIS A 218 40.63 -23.13 -5.96
N LYS A 219 40.96 -22.32 -6.97
CA LYS A 219 40.03 -21.93 -8.02
C LYS A 219 40.02 -22.97 -9.14
N PRO A 220 38.88 -23.12 -9.84
CA PRO A 220 38.92 -23.89 -11.09
C PRO A 220 39.81 -23.20 -12.11
N SER A 221 40.29 -23.95 -13.09
CA SER A 221 41.17 -23.37 -14.12
C SER A 221 40.42 -22.39 -15.02
N GLU A 222 41.16 -21.46 -15.63
CA GLU A 222 40.62 -20.58 -16.66
C GLU A 222 39.91 -21.37 -17.74
N GLU A 223 40.53 -22.45 -18.22
CA GLU A 223 39.92 -23.30 -19.23
C GLU A 223 38.57 -23.87 -18.77
N ARG A 224 38.52 -24.35 -17.52
CA ARG A 224 37.29 -24.92 -16.96
C ARG A 224 36.18 -23.86 -16.84
N VAL A 225 36.58 -22.66 -16.43
CA VAL A 225 35.65 -21.52 -16.28
C VAL A 225 35.13 -21.11 -17.66
N ARG A 226 36.06 -20.94 -18.61
CA ARG A 226 35.73 -20.69 -20.02
C ARG A 226 34.67 -21.64 -20.54
N GLU A 227 34.88 -22.93 -20.30
CA GLU A 227 33.94 -23.95 -20.74
C GLU A 227 32.53 -23.76 -20.18
N ILE A 228 32.43 -23.47 -18.87
CA ILE A 228 31.16 -23.23 -18.20
C ILE A 228 30.45 -22.01 -18.81
N ILE A 229 31.19 -20.91 -18.90
CA ILE A 229 30.69 -19.65 -19.39
C ILE A 229 30.26 -19.74 -20.86
N ILE A 230 31.10 -20.37 -21.69
CA ILE A 230 30.80 -20.49 -23.12
C ILE A 230 29.53 -21.30 -23.31
N ASN A 231 29.41 -22.40 -22.58
CA ASN A 231 28.19 -23.21 -22.58
C ASN A 231 26.95 -22.37 -22.20
N ALA A 232 27.06 -21.58 -21.13
CA ALA A 232 25.96 -20.71 -20.71
C ALA A 232 25.58 -19.72 -21.82
N VAL A 233 26.59 -19.11 -22.45
CA VAL A 233 26.37 -18.19 -23.57
C VAL A 233 25.58 -18.83 -24.71
N ARG A 234 25.90 -20.07 -25.06
CA ARG A 234 25.27 -20.75 -26.18
C ARG A 234 23.80 -20.99 -25.88
N ILE A 235 23.54 -21.43 -24.65
CA ILE A 235 22.19 -21.69 -24.20
C ILE A 235 21.35 -20.40 -24.20
N GLU A 236 21.94 -19.31 -23.71
CA GLU A 236 21.25 -18.02 -23.69
C GLU A 236 20.98 -17.51 -25.11
N GLN A 237 21.95 -17.70 -26.00
CA GLN A 237 21.79 -17.28 -27.39
C GLN A 237 20.69 -18.06 -28.09
N GLU A 238 20.66 -19.37 -27.85
CA GLU A 238 19.57 -20.21 -28.33
C GLU A 238 18.19 -19.69 -27.86
N PHE A 239 18.11 -19.40 -26.56
CA PHE A 239 16.87 -18.92 -25.96
C PHE A 239 16.33 -17.67 -26.67
N LEU A 240 17.21 -16.70 -26.91
CA LEU A 240 16.86 -15.40 -27.45
C LEU A 240 16.71 -15.35 -28.97
N THR A 241 17.28 -16.33 -29.67
CA THR A 241 17.19 -16.34 -31.13
C THR A 241 16.24 -17.42 -31.67
N GLU A 242 16.10 -18.53 -30.94
CA GLU A 242 15.31 -19.66 -31.43
C GLU A 242 14.07 -19.95 -30.59
N ALA A 243 14.26 -20.13 -29.28
CA ALA A 243 13.19 -20.62 -28.41
C ALA A 243 12.17 -19.52 -28.11
N LEU A 244 12.65 -18.30 -27.90
CA LEU A 244 11.80 -17.13 -27.66
C LEU A 244 12.42 -15.93 -28.33
N PRO A 245 12.27 -15.82 -29.67
CA PRO A 245 13.08 -14.85 -30.44
C PRO A 245 12.79 -13.40 -30.08
N VAL A 246 13.85 -12.62 -29.86
CA VAL A 246 13.70 -11.20 -29.49
C VAL A 246 13.19 -10.35 -30.66
N LYS A 247 13.17 -10.96 -31.84
CA LYS A 247 12.47 -10.46 -33.04
C LYS A 247 11.01 -10.12 -32.72
N LEU A 248 10.38 -10.96 -31.90
CA LEU A 248 9.00 -10.75 -31.48
C LEU A 248 8.73 -9.37 -30.83
N ILE A 249 9.75 -8.73 -30.26
CA ILE A 249 9.60 -7.33 -29.78
C ILE A 249 10.41 -6.29 -30.53
N GLY A 250 10.82 -6.65 -31.76
CA GLY A 250 11.49 -5.70 -32.65
C GLY A 250 12.97 -5.52 -32.44
N MET A 251 13.62 -6.49 -31.77
CA MET A 251 15.06 -6.42 -31.58
C MET A 251 15.79 -7.25 -32.62
N ASN A 252 17.05 -6.90 -32.84
CA ASN A 252 17.88 -7.63 -33.78
C ASN A 252 18.58 -8.83 -33.11
N CYS A 253 18.28 -10.04 -33.61
CA CYS A 253 18.81 -11.28 -33.04
C CYS A 253 20.36 -11.37 -33.11
N THR A 254 20.96 -10.85 -34.18
CA THR A 254 22.42 -10.80 -34.34
C THR A 254 23.08 -9.88 -33.31
N LEU A 255 22.55 -8.67 -33.15
CA LEU A 255 23.07 -7.75 -32.14
C LEU A 255 22.85 -8.30 -30.71
N MET A 256 21.73 -8.98 -30.48
CA MET A 256 21.47 -9.62 -29.19
C MET A 256 22.52 -10.71 -28.90
N LYS A 257 22.78 -11.58 -29.87
CA LYS A 257 23.83 -12.62 -29.73
C LYS A 257 25.16 -12.01 -29.31
N GLN A 258 25.48 -10.86 -29.87
CA GLN A 258 26.71 -10.14 -29.58
C GLN A 258 26.71 -9.54 -28.18
N TYR A 259 25.58 -9.00 -27.75
CA TYR A 259 25.45 -8.49 -26.40
C TYR A 259 25.74 -9.55 -25.31
N ILE A 260 25.27 -10.77 -25.53
CA ILE A 260 25.47 -11.87 -24.58
C ILE A 260 26.97 -12.17 -24.42
N GLU A 261 27.67 -12.22 -25.56
CA GLU A 261 29.11 -12.45 -25.56
C GLU A 261 29.86 -11.34 -24.83
N PHE A 262 29.45 -10.09 -25.05
CA PHE A 262 30.00 -8.94 -24.32
C PHE A 262 29.81 -9.07 -22.79
N VAL A 263 28.61 -9.47 -22.39
CA VAL A 263 28.27 -9.69 -20.97
C VAL A 263 29.17 -10.76 -20.40
N ALA A 264 29.32 -11.86 -21.12
CA ALA A 264 30.18 -12.97 -20.72
C ALA A 264 31.65 -12.55 -20.51
N ASP A 265 32.18 -11.77 -21.47
CA ASP A 265 33.53 -11.20 -21.35
C ASP A 265 33.69 -10.36 -20.11
N ARG A 266 32.72 -9.48 -19.84
CA ARG A 266 32.78 -8.66 -18.64
C ARG A 266 32.83 -9.53 -17.36
N LEU A 267 32.03 -10.58 -17.34
CA LEU A 267 32.04 -11.52 -16.21
C LEU A 267 33.41 -12.21 -16.11
N MET A 268 33.93 -12.70 -17.24
CA MET A 268 35.25 -13.34 -17.29
C MET A 268 36.31 -12.43 -16.70
N LEU A 269 36.32 -11.17 -17.08
CA LEU A 269 37.27 -10.21 -16.54
C LEU A 269 37.06 -10.03 -15.05
N GLU A 270 35.79 -9.99 -14.62
CA GLU A 270 35.47 -9.78 -13.21
C GLU A 270 35.91 -10.96 -12.38
N LEU A 271 35.91 -12.14 -12.97
CA LEU A 271 36.37 -13.35 -12.30
C LEU A 271 37.89 -13.44 -12.22
N GLY A 272 38.59 -12.58 -12.97
CA GLY A 272 40.06 -12.54 -12.95
C GLY A 272 40.69 -13.28 -14.11
N PHE A 273 39.94 -13.44 -15.19
CA PHE A 273 40.42 -14.13 -16.37
C PHE A 273 40.47 -13.20 -17.58
N SER A 274 40.69 -13.77 -18.75
CA SER A 274 40.76 -13.00 -20.00
C SER A 274 39.41 -13.00 -20.70
N LYS A 275 39.23 -12.04 -21.62
CA LYS A 275 38.08 -12.06 -22.51
C LYS A 275 38.03 -13.35 -23.33
N VAL A 276 36.83 -13.69 -23.78
CA VAL A 276 36.66 -14.90 -24.56
C VAL A 276 36.31 -14.55 -26.00
N PHE A 277 35.41 -13.58 -26.16
CA PHE A 277 34.80 -13.30 -27.46
C PHE A 277 35.36 -12.03 -28.10
N ARG A 278 35.74 -11.06 -27.26
CA ARG A 278 36.31 -9.78 -27.70
C ARG A 278 35.40 -9.00 -28.63
N VAL A 279 34.12 -8.90 -28.24
CA VAL A 279 33.11 -8.13 -28.97
C VAL A 279 32.68 -6.90 -28.17
N GLU A 280 32.21 -5.87 -28.87
CA GLU A 280 31.70 -4.64 -28.25
C GLU A 280 30.27 -4.81 -27.78
N ASN A 281 29.83 -3.90 -26.91
CA ASN A 281 28.43 -3.80 -26.52
C ASN A 281 27.63 -3.15 -27.66
N PRO A 282 26.75 -3.92 -28.34
CA PRO A 282 25.98 -3.34 -29.44
C PRO A 282 24.86 -2.40 -28.96
N PHE A 283 24.61 -2.37 -27.65
CA PHE A 283 23.45 -1.66 -27.13
C PHE A 283 23.83 -0.43 -26.31
N ASP A 284 23.51 0.74 -26.84
CA ASP A 284 23.82 2.01 -26.17
C ASP A 284 22.96 2.20 -24.92
N PHE A 285 21.80 1.54 -24.88
CA PHE A 285 20.89 1.62 -23.73
C PHE A 285 21.26 0.68 -22.54
N MET A 286 22.30 -0.13 -22.73
CA MET A 286 22.87 -0.97 -21.66
C MET A 286 24.28 -0.47 -21.31
N MET B 1 -33.21 37.92 -7.84
CA MET B 1 -33.71 38.60 -6.61
C MET B 1 -34.80 37.74 -5.94
N GLY B 2 -34.51 37.23 -4.73
CA GLY B 2 -33.21 37.44 -4.07
C GLY B 2 -32.03 36.79 -4.81
N VAL B 3 -32.24 35.56 -5.27
CA VAL B 3 -31.18 34.72 -5.86
C VAL B 3 -31.15 34.66 -7.40
N GLU B 4 -32.29 34.91 -8.04
CA GLU B 4 -32.44 34.73 -9.51
C GLU B 4 -31.64 35.72 -10.41
N ASP B 5 -31.01 36.72 -9.81
N ASP B 5 -31.03 36.71 -9.76
CA ASP B 5 -30.10 37.59 -10.56
CA ASP B 5 -30.12 37.64 -10.43
C ASP B 5 -28.63 37.13 -10.44
C ASP B 5 -28.64 37.29 -10.22
N GLU B 6 -28.38 36.14 -9.60
CA GLU B 6 -27.01 35.65 -9.35
C GLU B 6 -26.67 34.49 -10.25
N PRO B 7 -25.77 34.71 -11.21
CA PRO B 7 -25.38 33.65 -12.14
C PRO B 7 -24.94 32.34 -11.43
N LEU B 8 -24.25 32.47 -10.30
CA LEU B 8 -23.78 31.32 -9.53
C LEU B 8 -24.92 30.54 -8.89
N LEU B 9 -26.03 31.22 -8.61
CA LEU B 9 -27.11 30.65 -7.80
C LEU B 9 -28.44 30.45 -8.51
N ARG B 10 -28.61 31.08 -9.68
CA ARG B 10 -29.88 31.03 -10.40
C ARG B 10 -30.05 29.71 -11.17
N GLU B 11 -31.28 29.44 -11.60
CA GLU B 11 -31.64 28.21 -12.27
C GLU B 11 -30.78 27.94 -13.47
N ASN B 12 -30.17 26.75 -13.47
CA ASN B 12 -29.38 26.27 -14.57
C ASN B 12 -29.89 24.90 -15.00
N PRO B 13 -30.68 24.84 -16.08
CA PRO B 13 -31.17 23.54 -16.53
C PRO B 13 -30.04 22.65 -17.09
N ARG B 14 -28.86 23.22 -17.31
CA ARG B 14 -27.71 22.45 -17.80
C ARG B 14 -26.74 22.03 -16.68
N ARG B 15 -27.17 22.13 -15.42
CA ARG B 15 -26.24 21.98 -14.30
C ARG B 15 -25.56 20.61 -14.19
N PHE B 16 -26.25 19.56 -14.64
CA PHE B 16 -25.69 18.22 -14.58
C PHE B 16 -25.09 17.78 -15.92
N VAL B 17 -25.03 18.70 -16.87
CA VAL B 17 -24.40 18.43 -18.16
C VAL B 17 -23.03 19.08 -18.07
N ILE B 18 -21.97 18.37 -18.41
CA ILE B 18 -20.66 18.89 -18.10
C ILE B 18 -20.13 19.90 -19.13
N PHE B 19 -20.32 19.60 -20.42
CA PHE B 19 -19.82 20.46 -21.49
C PHE B 19 -20.95 21.25 -22.18
N PRO B 20 -20.61 22.37 -22.84
CA PRO B 20 -19.27 22.94 -22.89
C PRO B 20 -18.95 23.75 -21.63
N ILE B 21 -17.67 23.90 -21.36
CA ILE B 21 -17.19 24.72 -20.25
C ILE B 21 -17.42 26.18 -20.61
N GLU B 22 -18.08 26.90 -19.72
CA GLU B 22 -18.32 28.32 -19.93
C GLU B 22 -17.60 29.20 -18.92
N TYR B 23 -17.34 28.67 -17.73
CA TYR B 23 -16.63 29.42 -16.70
C TYR B 23 -15.25 28.82 -16.60
N HIS B 24 -14.35 29.32 -17.44
CA HIS B 24 -13.04 28.75 -17.60
C HIS B 24 -12.13 28.95 -16.40
N ASP B 25 -12.30 30.07 -15.69
CA ASP B 25 -11.52 30.32 -14.50
C ASP B 25 -11.91 29.34 -13.35
N ILE B 26 -13.20 29.12 -13.19
CA ILE B 26 -13.69 28.16 -12.19
C ILE B 26 -13.28 26.73 -12.55
N TRP B 27 -13.40 26.41 -13.83
CA TRP B 27 -13.03 25.09 -14.33
C TRP B 27 -11.55 24.80 -14.11
N GLN B 28 -10.70 25.81 -14.31
CA GLN B 28 -9.24 25.62 -14.19
C GLN B 28 -8.84 25.28 -12.76
N MET B 29 -9.55 25.87 -11.80
CA MET B 29 -9.35 25.54 -10.41
C MET B 29 -9.74 24.09 -10.09
N TYR B 30 -10.83 23.59 -10.69
CA TYR B 30 -11.21 22.19 -10.58
C TYR B 30 -10.12 21.29 -11.16
N LYS B 31 -9.59 21.67 -12.33
CA LYS B 31 -8.54 20.90 -12.97
C LYS B 31 -7.26 20.88 -12.16
N LYS B 32 -6.97 22.00 -11.51
CA LYS B 32 -5.84 22.11 -10.59
C LYS B 32 -6.05 21.16 -9.38
N ALA B 33 -7.26 21.16 -8.83
CA ALA B 33 -7.57 20.23 -7.71
C ALA B 33 -7.40 18.77 -8.14
N GLU B 34 -8.03 18.42 -9.25
CA GLU B 34 -7.97 17.07 -9.80
C GLU B 34 -6.52 16.59 -10.03
N ALA B 35 -5.66 17.50 -10.48
CA ALA B 35 -4.27 17.21 -10.82
C ALA B 35 -3.42 16.98 -9.59
N SER B 36 -3.86 17.49 -8.44
CA SER B 36 -3.08 17.30 -7.22
C SER B 36 -3.67 16.25 -6.27
N PHE B 37 -4.53 15.38 -6.80
CA PHE B 37 -5.07 14.26 -6.04
C PHE B 37 -3.96 13.42 -5.38
N TRP B 38 -4.19 12.98 -4.14
CA TRP B 38 -3.27 12.10 -3.41
C TRP B 38 -4.12 11.36 -2.38
N THR B 39 -3.55 10.31 -1.82
CA THR B 39 -4.21 9.49 -0.81
C THR B 39 -3.30 9.34 0.41
N ALA B 40 -3.88 9.03 1.56
CA ALA B 40 -3.11 8.83 2.79
C ALA B 40 -2.01 7.77 2.59
N GLU B 41 -2.30 6.76 1.78
CA GLU B 41 -1.41 5.64 1.57
C GLU B 41 -0.06 6.03 0.94
N GLU B 42 0.03 7.25 0.43
CA GLU B 42 1.24 7.72 -0.23
C GLU B 42 2.15 8.40 0.76
N VAL B 43 1.67 8.58 1.99
CA VAL B 43 2.44 9.27 3.00
C VAL B 43 3.06 8.21 3.92
N ASP B 44 4.38 8.23 4.02
CA ASP B 44 5.13 7.26 4.84
C ASP B 44 5.27 7.79 6.26
N LEU B 45 4.62 7.14 7.21
CA LEU B 45 4.70 7.56 8.61
C LEU B 45 5.75 6.83 9.46
N SER B 46 6.44 5.85 8.86
CA SER B 46 7.33 4.93 9.61
C SER B 46 8.58 5.58 10.21
N LYS B 47 9.02 6.72 9.68
CA LYS B 47 10.23 7.37 10.21
C LYS B 47 9.91 8.41 11.27
N ASP B 48 8.70 8.37 11.80
CA ASP B 48 8.20 9.42 12.71
C ASP B 48 8.26 9.05 14.19
N ILE B 49 8.11 7.76 14.51
CA ILE B 49 7.88 7.29 15.90
C ILE B 49 9.05 7.62 16.81
N GLN B 50 10.24 7.50 16.24
CA GLN B 50 11.47 7.79 16.97
C GLN B 50 11.49 9.25 17.42
N HIS B 51 11.25 10.17 16.48
CA HIS B 51 11.12 11.61 16.82
C HIS B 51 9.97 11.87 17.79
N TRP B 52 8.84 11.21 17.56
CA TRP B 52 7.65 11.36 18.41
C TRP B 52 8.00 11.04 19.87
N GLU B 53 8.66 9.91 20.05
CA GLU B 53 9.08 9.48 21.39
C GLU B 53 10.14 10.38 22.04
N SER B 54 10.90 11.12 21.23
CA SER B 54 11.91 12.05 21.76
C SER B 54 11.40 13.42 22.21
N LEU B 55 10.13 13.73 21.92
CA LEU B 55 9.52 15.00 22.32
C LEU B 55 9.24 15.03 23.81
N LYS B 56 9.07 16.23 24.34
CA LYS B 56 8.54 16.40 25.69
C LYS B 56 7.05 16.01 25.72
N PRO B 57 6.54 15.59 26.90
CA PRO B 57 5.13 15.17 26.99
C PRO B 57 4.15 16.23 26.48
N GLU B 58 4.48 17.51 26.71
CA GLU B 58 3.58 18.60 26.38
C GLU B 58 3.61 18.95 24.88
N GLU B 59 4.68 18.54 24.21
CA GLU B 59 4.77 18.62 22.75
C GLU B 59 3.89 17.56 22.12
N ARG B 60 3.96 16.33 22.63
CA ARG B 60 3.03 15.29 22.21
C ARG B 60 1.57 15.70 22.46
N TYR B 61 1.31 16.34 23.60
CA TYR B 61 -0.03 16.86 23.91
C TYR B 61 -0.47 17.90 22.86
N PHE B 62 0.38 18.87 22.60
CA PHE B 62 0.11 19.89 21.59
C PHE B 62 -0.24 19.27 20.23
N ILE B 63 0.62 18.37 19.75
CA ILE B 63 0.48 17.83 18.41
C ILE B 63 -0.78 16.99 18.28
N SER B 64 -1.03 16.12 19.26
CA SER B 64 -2.22 15.27 19.22
C SER B 64 -3.51 16.09 19.21
N HIS B 65 -3.52 17.20 19.95
CA HIS B 65 -4.68 18.07 19.98
C HIS B 65 -4.85 18.87 18.70
N VAL B 66 -3.74 19.29 18.07
CA VAL B 66 -3.84 19.93 16.76
C VAL B 66 -4.43 18.95 15.74
N LEU B 67 -3.92 17.71 15.75
CA LEU B 67 -4.45 16.70 14.84
C LEU B 67 -5.93 16.47 15.06
N ALA B 68 -6.35 16.41 16.32
CA ALA B 68 -7.74 16.16 16.66
C ALA B 68 -8.61 17.34 16.19
N PHE B 69 -8.12 18.56 16.38
CA PHE B 69 -8.77 19.77 15.90
C PHE B 69 -8.95 19.73 14.37
N PHE B 70 -7.90 19.36 13.65
CA PHE B 70 -7.98 19.28 12.19
C PHE B 70 -9.01 18.25 11.71
N ALA B 71 -8.97 17.06 12.29
CA ALA B 71 -9.88 16.01 11.85
C ALA B 71 -11.34 16.40 12.11
N ALA B 72 -11.61 16.93 13.30
CA ALA B 72 -12.95 17.42 13.61
C ALA B 72 -13.39 18.54 12.66
N SER B 73 -12.49 19.51 12.42
CA SER B 73 -12.82 20.64 11.55
C SER B 73 -13.12 20.20 10.12
N ASP B 74 -12.36 19.21 9.62
CA ASP B 74 -12.64 18.66 8.30
C ASP B 74 -14.06 18.18 8.16
N GLY B 75 -14.59 17.58 9.22
CA GLY B 75 -15.98 17.11 9.20
C GLY B 75 -17.00 18.22 9.10
N ILE B 76 -16.70 19.40 9.65
CA ILE B 76 -17.61 20.54 9.60
C ILE B 76 -17.56 21.19 8.22
N VAL B 77 -16.35 21.32 7.67
CA VAL B 77 -16.18 21.85 6.30
C VAL B 77 -16.95 20.95 5.34
N ASN B 78 -16.75 19.64 5.51
CA ASN B 78 -17.42 18.61 4.73
C ASN B 78 -18.94 18.71 4.83
N GLU B 79 -19.45 18.80 6.07
CA GLU B 79 -20.88 18.94 6.26
C GLU B 79 -21.45 20.12 5.45
N ASN B 80 -20.80 21.26 5.55
CA ASN B 80 -21.20 22.46 4.84
C ASN B 80 -21.19 22.30 3.31
N LEU B 81 -20.15 21.65 2.80
CA LEU B 81 -20.07 21.38 1.37
C LEU B 81 -21.18 20.45 0.89
N VAL B 82 -21.40 19.36 1.63
CA VAL B 82 -22.37 18.33 1.30
C VAL B 82 -23.81 18.86 1.37
N GLU B 83 -24.13 19.57 2.44
CA GLU B 83 -25.49 20.03 2.69
C GLU B 83 -25.81 21.38 2.04
N ARG B 84 -24.80 22.23 1.89
CA ARG B 84 -25.05 23.60 1.46
C ARG B 84 -24.38 23.99 0.15
N PHE B 85 -23.07 24.24 0.16
CA PHE B 85 -22.41 24.80 -1.03
C PHE B 85 -22.64 23.98 -2.31
N SER B 86 -22.42 22.66 -2.24
CA SER B 86 -22.53 21.81 -3.43
C SER B 86 -23.96 21.72 -3.92
N GLN B 87 -24.92 22.06 -3.05
CA GLN B 87 -26.33 22.03 -3.42
C GLN B 87 -26.79 23.35 -4.01
N GLU B 88 -26.40 24.47 -3.39
CA GLU B 88 -26.98 25.76 -3.75
C GLU B 88 -26.33 26.42 -4.97
N VAL B 89 -25.04 26.15 -5.19
CA VAL B 89 -24.34 26.65 -6.37
C VAL B 89 -24.77 25.86 -7.61
N GLN B 90 -25.13 26.56 -8.68
CA GLN B 90 -25.82 25.95 -9.81
C GLN B 90 -24.97 25.83 -11.06
N ILE B 91 -23.81 26.47 -11.08
CA ILE B 91 -22.89 26.33 -12.20
C ILE B 91 -22.12 25.01 -12.10
N THR B 92 -22.09 24.27 -13.20
CA THR B 92 -21.47 22.95 -13.28
C THR B 92 -20.02 22.96 -12.80
N GLU B 93 -19.26 23.94 -13.27
CA GLU B 93 -17.84 24.03 -13.00
C GLU B 93 -17.56 24.08 -11.50
N ALA B 94 -18.36 24.82 -10.75
CA ALA B 94 -18.13 24.98 -9.33
C ALA B 94 -18.62 23.74 -8.59
N ARG B 95 -19.72 23.15 -9.06
CA ARG B 95 -20.20 21.86 -8.54
C ARG B 95 -19.14 20.76 -8.65
N CYS B 96 -18.43 20.71 -9.77
CA CYS B 96 -17.34 19.76 -9.96
C CYS B 96 -16.25 20.01 -8.93
N PHE B 97 -15.86 21.28 -8.76
CA PHE B 97 -14.84 21.63 -7.77
C PHE B 97 -15.27 21.21 -6.36
N TYR B 98 -16.49 21.57 -5.99
CA TYR B 98 -16.99 21.25 -4.64
C TYR B 98 -17.09 19.74 -4.46
N GLY B 99 -17.52 19.02 -5.50
CA GLY B 99 -17.59 17.56 -5.45
C GLY B 99 -16.21 16.97 -5.14
N PHE B 100 -15.20 17.53 -5.78
CA PHE B 100 -13.85 17.05 -5.60
C PHE B 100 -13.29 17.48 -4.26
N GLN B 101 -13.68 18.67 -3.79
CA GLN B 101 -13.25 19.11 -2.48
C GLN B 101 -13.77 18.18 -1.35
N ILE B 102 -15.02 17.71 -1.48
CA ILE B 102 -15.62 16.77 -0.51
C ILE B 102 -14.76 15.49 -0.42
N ALA B 103 -14.40 14.93 -1.57
CA ALA B 103 -13.54 13.76 -1.64
C ALA B 103 -12.19 14.05 -0.98
N MET B 104 -11.62 15.22 -1.26
CA MET B 104 -10.34 15.57 -0.65
C MET B 104 -10.41 15.79 0.86
N GLU B 105 -11.52 16.33 1.36
CA GLU B 105 -11.71 16.48 2.80
C GLU B 105 -11.78 15.12 3.50
N ASN B 106 -12.39 14.15 2.85
CA ASN B 106 -12.45 12.81 3.41
C ASN B 106 -11.06 12.19 3.47
N ILE B 107 -10.25 12.46 2.46
CA ILE B 107 -8.87 12.01 2.48
C ILE B 107 -8.06 12.74 3.56
N HIS B 108 -8.28 14.03 3.72
CA HIS B 108 -7.66 14.78 4.82
C HIS B 108 -8.02 14.20 6.21
N SER B 109 -9.30 13.93 6.43
CA SER B 109 -9.78 13.40 7.72
C SER B 109 -9.11 12.07 7.98
N GLU B 110 -9.08 11.21 6.98
CA GLU B 110 -8.40 9.93 7.09
C GLU B 110 -6.92 10.09 7.41
N MET B 111 -6.23 11.00 6.72
CA MET B 111 -4.82 11.25 6.98
C MET B 111 -4.60 11.62 8.44
N TYR B 112 -5.43 12.56 8.95
CA TYR B 112 -5.30 13.00 10.33
C TYR B 112 -5.56 11.88 11.30
N SER B 113 -6.55 11.05 10.99
CA SER B 113 -6.93 9.94 11.85
C SER B 113 -5.87 8.83 11.87
N LEU B 114 -5.23 8.62 10.71
CA LEU B 114 -4.07 7.74 10.61
C LEU B 114 -2.85 8.26 11.36
N LEU B 115 -2.63 9.58 11.33
CA LEU B 115 -1.56 10.17 12.11
C LEU B 115 -1.80 9.91 13.61
N ILE B 116 -3.02 10.13 14.06
CA ILE B 116 -3.43 9.79 15.43
C ILE B 116 -3.19 8.31 15.77
N ASP B 117 -3.74 7.42 14.95
CA ASP B 117 -3.60 5.99 15.16
C ASP B 117 -2.15 5.50 15.18
N THR B 118 -1.30 6.10 14.35
CA THR B 118 0.12 5.78 14.31
C THR B 118 0.85 6.24 15.56
N TYR B 119 0.55 7.44 16.04
CA TYR B 119 1.28 7.99 17.16
C TYR B 119 0.74 7.54 18.52
N ILE B 120 -0.56 7.30 18.57
CA ILE B 120 -1.30 7.02 19.79
C ILE B 120 -1.92 5.64 19.69
N LYS B 121 -1.47 4.73 20.54
CA LYS B 121 -1.95 3.36 20.53
C LYS B 121 -3.14 3.11 21.46
N ASP B 122 -3.15 3.80 22.60
CA ASP B 122 -4.21 3.65 23.60
C ASP B 122 -5.58 3.96 22.99
N PRO B 123 -6.48 2.96 22.96
CA PRO B 123 -7.80 3.11 22.33
C PRO B 123 -8.70 4.16 23.00
N LYS B 124 -8.50 4.40 24.29
CA LYS B 124 -9.22 5.45 25.02
C LYS B 124 -8.78 6.85 24.58
N GLU B 125 -7.47 7.02 24.45
CA GLU B 125 -6.90 8.27 24.00
C GLU B 125 -7.33 8.53 22.54
N ARG B 126 -7.27 7.51 21.69
CA ARG B 126 -7.76 7.64 20.31
C ARG B 126 -9.19 8.16 20.28
N GLU B 127 -10.07 7.52 21.05
CA GLU B 127 -11.50 7.87 21.07
C GLU B 127 -11.76 9.27 21.64
N PHE B 128 -10.98 9.65 22.64
CA PHE B 128 -11.00 10.99 23.14
C PHE B 128 -10.70 12.01 22.01
N LEU B 129 -9.72 11.70 21.19
CA LEU B 129 -9.26 12.63 20.15
C LEU B 129 -10.20 12.68 18.94
N PHE B 130 -10.73 11.52 18.55
CA PHE B 130 -11.68 11.42 17.44
C PHE B 130 -12.98 12.18 17.75
N ASN B 131 -13.31 12.30 19.03
CA ASN B 131 -14.54 12.96 19.47
C ASN B 131 -14.26 14.36 20.01
N ALA B 132 -13.21 14.99 19.51
CA ALA B 132 -12.77 16.31 19.97
C ALA B 132 -13.88 17.37 20.09
N ILE B 133 -14.83 17.38 19.15
CA ILE B 133 -15.92 18.35 19.23
C ILE B 133 -16.64 18.27 20.61
N GLU B 134 -16.81 17.06 21.12
CA GLU B 134 -17.45 16.86 22.44
C GLU B 134 -16.50 16.83 23.62
N THR B 135 -15.26 16.42 23.39
CA THR B 135 -14.36 16.11 24.51
C THR B 135 -13.29 17.14 24.76
N MET B 136 -13.10 18.07 23.81
CA MET B 136 -11.95 18.97 23.88
C MET B 136 -12.35 20.44 23.87
N PRO B 137 -12.26 21.11 25.04
CA PRO B 137 -12.67 22.52 25.14
C PRO B 137 -11.96 23.43 24.15
N CYS B 138 -10.68 23.15 23.86
CA CYS B 138 -9.88 24.04 22.99
C CYS B 138 -10.47 24.22 21.59
N VAL B 139 -11.28 23.26 21.13
CA VAL B 139 -11.83 23.34 19.79
C VAL B 139 -13.23 23.93 19.75
N LYS B 140 -13.86 24.03 20.92
CA LYS B 140 -15.28 24.41 21.01
C LYS B 140 -15.61 25.74 20.31
N LYS B 141 -14.84 26.79 20.61
CA LYS B 141 -15.04 28.10 19.99
C LYS B 141 -15.00 28.04 18.45
N LYS B 142 -13.98 27.40 17.90
CA LYS B 142 -13.86 27.27 16.44
C LYS B 142 -14.97 26.41 15.83
N ALA B 143 -15.21 25.26 16.47
CA ALA B 143 -16.25 24.35 16.00
C ALA B 143 -17.64 24.99 15.99
N ASP B 144 -18.03 25.62 17.11
CA ASP B 144 -19.32 26.33 17.23
C ASP B 144 -19.46 27.45 16.19
N TRP B 145 -18.38 28.19 15.98
CA TRP B 145 -18.40 29.32 15.05
C TRP B 145 -18.73 28.82 13.66
N ALA B 146 -17.97 27.83 13.21
CA ALA B 146 -18.15 27.25 11.88
C ALA B 146 -19.51 26.59 11.74
N LEU B 147 -19.92 25.82 12.76
CA LEU B 147 -21.24 25.16 12.72
C LEU B 147 -22.41 26.15 12.65
N ARG B 148 -22.27 27.32 13.29
CA ARG B 148 -23.32 28.33 13.26
C ARG B 148 -23.58 28.82 11.84
N TRP B 149 -22.52 28.95 11.04
CA TRP B 149 -22.65 29.34 9.64
C TRP B 149 -23.34 28.27 8.76
N ILE B 150 -23.31 27.01 9.18
CA ILE B 150 -24.07 25.97 8.45
C ILE B 150 -25.55 26.08 8.78
N GLY B 151 -25.86 26.25 10.06
CA GLY B 151 -27.24 26.36 10.54
C GLY B 151 -27.91 27.69 10.23
N ASP B 152 -27.12 28.71 9.91
CA ASP B 152 -27.64 30.06 9.66
C ASP B 152 -28.52 30.14 8.42
N LYS B 153 -29.82 30.25 8.63
CA LYS B 153 -30.81 30.21 7.55
C LYS B 153 -30.96 31.55 6.85
N GLU B 154 -30.40 32.60 7.44
CA GLU B 154 -30.50 33.94 6.88
C GLU B 154 -29.26 34.39 6.11
N ALA B 155 -28.08 34.11 6.62
CA ALA B 155 -26.84 34.54 5.96
C ALA B 155 -26.79 34.12 4.48
N THR B 156 -26.30 35.03 3.65
CA THR B 156 -26.22 34.82 2.22
C THR B 156 -25.06 33.89 1.90
N TYR B 157 -25.10 33.32 0.69
CA TYR B 157 -23.96 32.60 0.17
C TYR B 157 -22.70 33.46 0.23
N GLY B 158 -22.82 34.75 -0.09
CA GLY B 158 -21.69 35.69 -0.01
C GLY B 158 -21.00 35.72 1.35
N GLU B 159 -21.78 35.82 2.41
CA GLU B 159 -21.24 35.84 3.78
C GLU B 159 -20.70 34.47 4.21
N ARG B 160 -21.40 33.42 3.82
CA ARG B 160 -21.06 32.07 4.23
C ARG B 160 -19.78 31.58 3.54
N VAL B 161 -19.57 31.99 2.29
CA VAL B 161 -18.34 31.67 1.56
C VAL B 161 -17.13 32.30 2.20
N VAL B 162 -17.30 33.52 2.69
CA VAL B 162 -16.25 34.23 3.41
C VAL B 162 -15.98 33.52 4.73
N ALA B 163 -17.05 33.15 5.42
CA ALA B 163 -16.93 32.48 6.70
C ALA B 163 -16.12 31.20 6.54
N PHE B 164 -16.41 30.40 5.51
CA PHE B 164 -15.65 29.17 5.31
C PHE B 164 -14.26 29.35 4.76
N ALA B 165 -14.04 30.45 4.03
CA ALA B 165 -12.68 30.82 3.66
C ALA B 165 -11.91 31.16 4.93
N ALA B 166 -12.58 31.78 5.88
CA ALA B 166 -11.93 32.08 7.17
C ALA B 166 -11.68 30.78 7.97
N VAL B 167 -12.61 29.83 7.90
CA VAL B 167 -12.38 28.54 8.50
C VAL B 167 -11.16 27.88 7.88
N GLU B 168 -11.12 27.80 6.57
CA GLU B 168 -10.04 27.04 5.91
C GLU B 168 -8.74 27.82 5.84
N GLY B 169 -8.82 29.13 5.96
CA GLY B 169 -7.66 30.00 5.77
C GLY B 169 -7.18 30.70 7.01
N ILE B 170 -8.05 30.92 8.00
CA ILE B 170 -7.64 31.56 9.24
C ILE B 170 -7.60 30.55 10.41
N PHE B 171 -8.66 29.76 10.56
CA PHE B 171 -8.75 28.78 11.65
C PHE B 171 -7.69 27.67 11.54
N PHE B 172 -7.23 27.42 10.34
CA PHE B 172 -6.22 26.41 10.10
C PHE B 172 -4.79 26.96 10.12
N SER B 173 -4.66 28.27 9.89
CA SER B 173 -3.36 28.92 9.62
C SER B 173 -2.32 28.70 10.73
N GLY B 174 -2.74 28.90 11.98
CA GLY B 174 -1.83 28.75 13.13
C GLY B 174 -1.34 27.32 13.31
N SER B 175 -2.24 26.37 13.10
CA SER B 175 -1.89 24.97 13.23
C SER B 175 -0.99 24.51 12.10
N PHE B 176 -1.26 24.98 10.87
CA PHE B 176 -0.36 24.73 9.75
C PHE B 176 1.04 25.29 10.06
N ALA B 177 1.10 26.49 10.60
CA ALA B 177 2.40 27.09 10.97
C ALA B 177 3.14 26.28 12.04
N SER B 178 2.40 25.81 13.04
CA SER B 178 2.93 24.87 14.07
C SER B 178 3.65 23.68 13.47
N ILE B 179 3.01 23.04 12.49
CA ILE B 179 3.59 21.85 11.89
C ILE B 179 4.79 22.24 11.01
N PHE B 180 4.69 23.38 10.33
CA PHE B 180 5.85 23.88 9.57
C PHE B 180 7.03 24.21 10.50
N TRP B 181 6.75 24.66 11.72
CA TRP B 181 7.79 24.87 12.73
C TRP B 181 8.46 23.55 13.09
N LEU B 182 7.67 22.50 13.28
CA LEU B 182 8.22 21.18 13.54
C LEU B 182 9.16 20.74 12.42
N LYS B 183 8.80 21.06 11.17
CA LYS B 183 9.66 20.73 10.03
C LYS B 183 11.00 21.46 10.13
N LYS B 184 10.95 22.74 10.52
CA LYS B 184 12.15 23.56 10.69
C LYS B 184 13.05 22.99 11.78
N ARG B 185 12.44 22.32 12.74
CA ARG B 185 13.17 21.65 13.80
C ARG B 185 13.66 20.28 13.34
N GLY B 186 13.30 19.90 12.10
CA GLY B 186 13.72 18.61 11.52
C GLY B 186 12.97 17.40 12.08
N LEU B 187 11.77 17.61 12.59
CA LEU B 187 11.04 16.55 13.29
C LEU B 187 9.87 15.96 12.50
N MET B 188 9.74 14.63 12.58
CA MET B 188 8.61 13.84 12.06
C MET B 188 8.25 14.11 10.60
N PRO B 189 9.01 13.52 9.66
CA PRO B 189 8.86 13.79 8.22
C PRO B 189 7.50 13.43 7.65
N GLY B 190 6.89 12.34 8.12
CA GLY B 190 5.54 11.94 7.70
C GLY B 190 4.48 13.02 7.97
N LEU B 191 4.37 13.44 9.23
CA LEU B 191 3.50 14.54 9.64
C LEU B 191 3.74 15.79 8.80
N THR B 192 5.00 16.21 8.70
CA THR B 192 5.28 17.48 8.06
C THR B 192 5.02 17.43 6.54
N PHE B 193 5.29 16.27 5.91
CA PHE B 193 4.99 16.08 4.50
C PHE B 193 3.47 16.07 4.21
N SER B 194 2.71 15.34 5.02
CA SER B 194 1.24 15.37 4.90
C SER B 194 0.70 16.78 5.11
N ASN B 195 1.31 17.51 6.03
CA ASN B 195 0.97 18.90 6.27
C ASN B 195 1.21 19.81 5.06
N GLU B 196 2.28 19.56 4.31
CA GLU B 196 2.52 20.28 3.07
C GLU B 196 1.37 20.06 2.08
N LEU B 197 0.97 18.80 1.93
CA LEU B 197 -0.06 18.42 0.97
C LEU B 197 -1.40 19.01 1.35
N ILE B 198 -1.74 18.92 2.65
CA ILE B 198 -3.01 19.44 3.15
C ILE B 198 -3.09 20.98 3.15
N SER B 199 -2.04 21.66 3.63
CA SER B 199 -2.05 23.13 3.58
C SER B 199 -2.17 23.65 2.16
N ARG B 200 -1.49 23.01 1.22
CA ARG B 200 -1.64 23.36 -0.20
C ARG B 200 -3.10 23.20 -0.65
N ASP B 201 -3.74 22.07 -0.33
CA ASP B 201 -5.14 21.84 -0.71
C ASP B 201 -6.05 22.92 -0.13
N GLU B 202 -5.84 23.19 1.16
CA GLU B 202 -6.64 24.20 1.87
C GLU B 202 -6.46 25.59 1.28
N GLY B 203 -5.22 25.91 0.91
CA GLY B 203 -4.90 27.17 0.21
C GLY B 203 -5.72 27.28 -1.06
N LEU B 204 -5.74 26.21 -1.87
CA LEU B 204 -6.57 26.13 -3.06
C LEU B 204 -8.07 26.30 -2.77
N HIS B 205 -8.56 25.64 -1.73
CA HIS B 205 -9.95 25.76 -1.33
C HIS B 205 -10.32 27.21 -0.95
N CYS B 206 -9.39 27.90 -0.27
CA CYS B 206 -9.53 29.33 0.02
C CYS B 206 -9.50 30.19 -1.25
N ASP B 207 -8.58 29.90 -2.14
CA ASP B 207 -8.52 30.60 -3.45
C ASP B 207 -9.86 30.44 -4.19
N PHE B 208 -10.43 29.24 -4.13
CA PHE B 208 -11.68 28.97 -4.83
C PHE B 208 -12.81 29.78 -4.24
N ALA B 209 -12.84 29.85 -2.91
CA ALA B 209 -13.82 30.66 -2.21
C ALA B 209 -13.76 32.14 -2.67
N CYS B 210 -12.55 32.68 -2.80
CA CYS B 210 -12.36 34.05 -3.27
C CYS B 210 -12.85 34.22 -4.69
N LEU B 211 -12.54 33.23 -5.55
CA LEU B 211 -13.03 33.23 -6.93
C LEU B 211 -14.56 33.25 -7.02
N MET B 212 -15.23 32.41 -6.23
CA MET B 212 -16.68 32.42 -6.14
C MET B 212 -17.21 33.78 -5.67
N PHE B 213 -16.57 34.34 -4.65
CA PHE B 213 -16.95 35.63 -4.09
C PHE B 213 -16.92 36.71 -5.16
N LYS B 214 -15.88 36.66 -5.99
CA LYS B 214 -15.67 37.61 -7.07
C LYS B 214 -16.78 37.51 -8.12
N HIS B 215 -17.32 36.30 -8.32
CA HIS B 215 -18.39 36.06 -9.29
C HIS B 215 -19.78 36.39 -8.78
N LEU B 216 -19.87 36.92 -7.57
CA LEU B 216 -21.14 37.32 -7.01
C LEU B 216 -21.46 38.76 -7.41
N VAL B 217 -22.74 39.00 -7.70
CA VAL B 217 -23.24 40.32 -8.07
C VAL B 217 -23.50 41.13 -6.82
N HIS B 218 -24.24 40.58 -5.87
CA HIS B 218 -24.44 41.22 -4.58
C HIS B 218 -23.50 40.64 -3.51
N LYS B 219 -22.37 41.30 -3.30
CA LYS B 219 -21.41 40.94 -2.27
C LYS B 219 -21.82 41.55 -0.93
N PRO B 220 -21.43 40.94 0.20
CA PRO B 220 -21.58 41.67 1.45
C PRO B 220 -20.62 42.86 1.46
N SER B 221 -20.89 43.83 2.32
CA SER B 221 -20.03 45.02 2.39
C SER B 221 -18.66 44.70 2.97
N GLU B 222 -17.67 45.49 2.60
CA GLU B 222 -16.34 45.44 3.20
C GLU B 222 -16.41 45.47 4.72
N GLU B 223 -17.25 46.35 5.25
CA GLU B 223 -17.49 46.41 6.69
C GLU B 223 -17.98 45.08 7.27
N ARG B 224 -18.94 44.44 6.61
CA ARG B 224 -19.47 43.15 7.07
C ARG B 224 -18.42 42.04 6.98
N VAL B 225 -17.60 42.09 5.93
CA VAL B 225 -16.53 41.13 5.70
C VAL B 225 -15.41 41.30 6.74
N ARG B 226 -15.03 42.55 7.01
CA ARG B 226 -14.05 42.87 8.06
C ARG B 226 -14.46 42.28 9.40
N GLU B 227 -15.71 42.53 9.77
CA GLU B 227 -16.32 42.00 10.99
C GLU B 227 -16.19 40.47 11.13
N ILE B 228 -16.54 39.73 10.07
CA ILE B 228 -16.43 38.28 10.06
C ILE B 228 -14.98 37.84 10.28
N ILE B 229 -14.09 38.45 9.51
CA ILE B 229 -12.68 38.10 9.47
C ILE B 229 -11.96 38.47 10.76
N ILE B 230 -12.23 39.69 11.27
CA ILE B 230 -11.65 40.11 12.55
C ILE B 230 -12.08 39.15 13.66
N ASN B 231 -13.36 38.81 13.69
CA ASN B 231 -13.88 37.83 14.64
C ASN B 231 -13.14 36.47 14.53
N ALA B 232 -12.92 36.00 13.30
CA ALA B 232 -12.19 34.75 13.07
C ALA B 232 -10.77 34.84 13.60
N VAL B 233 -10.09 35.96 13.31
CA VAL B 233 -8.74 36.21 13.84
C VAL B 233 -8.66 36.15 15.37
N ARG B 234 -9.64 36.75 16.04
CA ARG B 234 -9.61 36.79 17.50
C ARG B 234 -9.76 35.39 18.09
N ILE B 235 -10.70 34.62 17.54
CA ILE B 235 -10.91 33.24 17.94
C ILE B 235 -9.64 32.39 17.70
N GLU B 236 -9.00 32.56 16.55
CA GLU B 236 -7.77 31.81 16.25
C GLU B 236 -6.62 32.19 17.20
N GLN B 237 -6.50 33.48 17.50
CA GLN B 237 -5.45 33.95 18.42
C GLN B 237 -5.67 33.44 19.84
N GLU B 238 -6.93 33.39 20.27
CA GLU B 238 -7.27 32.79 21.55
C GLU B 238 -6.83 31.30 21.57
N PHE B 239 -7.19 30.57 20.51
CA PHE B 239 -6.83 29.17 20.39
C PHE B 239 -5.33 28.93 20.60
N LEU B 240 -4.50 29.68 19.89
CA LEU B 240 -3.06 29.46 19.85
C LEU B 240 -2.28 30.06 21.02
N THR B 241 -2.87 31.03 21.72
CA THR B 241 -2.16 31.67 22.83
C THR B 241 -2.72 31.28 24.19
N GLU B 242 -3.97 30.84 24.23
CA GLU B 242 -4.66 30.58 25.50
C GLU B 242 -5.20 29.14 25.63
N ALA B 243 -6.00 28.68 24.67
CA ALA B 243 -6.64 27.38 24.78
C ALA B 243 -5.66 26.20 24.54
N LEU B 244 -4.76 26.37 23.58
CA LEU B 244 -3.72 25.39 23.26
C LEU B 244 -2.45 26.13 22.88
N PRO B 245 -1.68 26.62 23.88
CA PRO B 245 -0.62 27.60 23.59
C PRO B 245 0.52 27.05 22.73
N VAL B 246 0.95 27.82 21.73
CA VAL B 246 2.00 27.38 20.81
C VAL B 246 3.38 27.39 21.48
N LYS B 247 3.42 28.00 22.67
CA LYS B 247 4.54 27.90 23.61
C LYS B 247 4.92 26.45 23.86
N LEU B 248 3.89 25.59 24.00
CA LEU B 248 4.10 24.17 24.23
C LEU B 248 5.06 23.47 23.23
N ILE B 249 5.17 24.00 22.01
CA ILE B 249 6.16 23.48 21.04
C ILE B 249 7.29 24.46 20.71
N GLY B 250 7.45 25.46 21.57
CA GLY B 250 8.60 26.37 21.49
C GLY B 250 8.42 27.56 20.57
N MET B 251 7.18 27.87 20.22
CA MET B 251 6.92 29.03 19.37
C MET B 251 6.60 30.25 20.21
N ASN B 252 6.80 31.42 19.61
CA ASN B 252 6.50 32.68 20.25
C ASN B 252 5.02 33.06 20.04
N CYS B 253 4.27 33.17 21.13
CA CYS B 253 2.83 33.50 21.10
C CYS B 253 2.54 34.89 20.47
N THR B 254 3.41 35.87 20.72
CA THR B 254 3.29 37.21 20.12
C THR B 254 3.50 37.19 18.60
N LEU B 255 4.55 36.51 18.15
CA LEU B 255 4.77 36.37 16.71
C LEU B 255 3.71 35.48 16.02
N MET B 256 3.10 34.55 16.75
CA MET B 256 1.99 33.76 16.20
C MET B 256 0.77 34.65 15.96
N LYS B 257 0.41 35.46 16.96
CA LYS B 257 -0.68 36.44 16.85
C LYS B 257 -0.58 37.32 15.60
N GLN B 258 0.63 37.79 15.33
CA GLN B 258 0.93 38.62 14.17
C GLN B 258 0.83 37.87 12.85
N TYR B 259 1.25 36.60 12.85
CA TYR B 259 1.11 35.75 11.67
C TYR B 259 -0.37 35.61 11.24
N ILE B 260 -1.26 35.46 12.21
CA ILE B 260 -2.68 35.27 11.95
C ILE B 260 -3.27 36.53 11.30
N GLU B 261 -2.83 37.69 11.80
CA GLU B 261 -3.28 38.97 11.26
C GLU B 261 -2.78 39.15 9.83
N PHE B 262 -1.52 38.77 9.57
CA PHE B 262 -0.96 38.75 8.22
C PHE B 262 -1.78 37.87 7.25
N VAL B 263 -2.11 36.66 7.70
CA VAL B 263 -2.91 35.71 6.92
C VAL B 263 -4.26 36.31 6.60
N ALA B 264 -4.91 36.92 7.60
CA ALA B 264 -6.19 37.59 7.43
C ALA B 264 -6.14 38.73 6.41
N ASP B 265 -5.09 39.55 6.47
CA ASP B 265 -4.85 40.62 5.50
C ASP B 265 -4.76 40.09 4.09
N ARG B 266 -3.95 39.04 3.91
CA ARG B 266 -3.81 38.42 2.59
C ARG B 266 -5.17 37.93 2.06
N LEU B 267 -5.98 37.34 2.93
CA LEU B 267 -7.33 36.90 2.53
C LEU B 267 -8.21 38.10 2.16
N MET B 268 -8.18 39.14 2.99
CA MET B 268 -8.94 40.37 2.72
C MET B 268 -8.59 40.93 1.33
N LEU B 269 -7.31 40.95 0.99
CA LEU B 269 -6.87 41.43 -0.31
C LEU B 269 -7.35 40.51 -1.42
N GLU B 270 -7.36 39.20 -1.16
CA GLU B 270 -7.78 38.22 -2.17
C GLU B 270 -9.26 38.35 -2.43
N LEU B 271 -10.00 38.70 -1.39
CA LEU B 271 -11.43 38.94 -1.50
C LEU B 271 -11.76 40.27 -2.20
N GLY B 272 -10.75 41.10 -2.46
CA GLY B 272 -10.93 42.37 -3.18
C GLY B 272 -11.13 43.56 -2.25
N PHE B 273 -10.64 43.45 -1.03
CA PHE B 273 -10.80 44.52 -0.06
C PHE B 273 -9.45 45.10 0.37
N SER B 274 -9.46 45.87 1.44
CA SER B 274 -8.23 46.47 1.97
C SER B 274 -7.72 45.65 3.13
N LYS B 275 -6.45 45.84 3.46
CA LYS B 275 -5.87 45.27 4.67
C LYS B 275 -6.60 45.75 5.91
N VAL B 276 -6.44 45.01 7.00
CA VAL B 276 -7.12 45.34 8.25
C VAL B 276 -6.08 45.70 9.30
N PHE B 277 -5.04 44.89 9.38
CA PHE B 277 -4.08 44.92 10.48
C PHE B 277 -2.75 45.55 10.04
N ARG B 278 -2.41 45.35 8.77
CA ARG B 278 -1.20 45.95 8.16
C ARG B 278 0.09 45.54 8.86
N VAL B 279 0.22 44.24 9.13
CA VAL B 279 1.41 43.65 9.75
C VAL B 279 2.19 42.76 8.77
N GLU B 280 3.47 42.57 9.03
CA GLU B 280 4.33 41.73 8.20
C GLU B 280 4.24 40.27 8.64
N ASN B 281 4.71 39.38 7.77
CA ASN B 281 4.84 37.96 8.13
C ASN B 281 6.07 37.72 9.00
N PRO B 282 5.86 37.37 10.29
CA PRO B 282 7.02 37.17 11.18
C PRO B 282 7.71 35.83 10.97
N PHE B 283 7.17 34.97 10.11
CA PHE B 283 7.72 33.64 9.95
C PHE B 283 8.33 33.47 8.57
N ASP B 284 9.64 33.31 8.51
CA ASP B 284 10.34 33.17 7.24
C ASP B 284 10.09 31.81 6.58
N PHE B 285 9.73 30.82 7.41
CA PHE B 285 9.41 29.48 6.93
C PHE B 285 7.95 29.34 6.41
N MET B 286 7.17 30.43 6.48
CA MET B 286 5.82 30.49 5.91
C MET B 286 5.79 31.44 4.71
N MET C 1 -38.41 3.23 13.07
CA MET C 1 -39.53 2.87 12.14
C MET C 1 -40.29 4.14 11.70
N GLY C 2 -40.45 4.34 10.39
CA GLY C 2 -40.01 3.40 9.35
C GLY C 2 -38.52 3.42 8.99
N VAL C 3 -37.86 4.55 9.27
CA VAL C 3 -36.42 4.77 9.00
C VAL C 3 -35.47 4.64 10.24
N GLU C 4 -35.97 4.96 11.42
CA GLU C 4 -35.17 4.89 12.65
C GLU C 4 -34.71 3.48 13.04
N ASP C 5 -35.26 2.47 12.37
CA ASP C 5 -34.87 1.06 12.58
CA ASP C 5 -34.87 1.07 12.57
C ASP C 5 -33.80 0.63 11.58
N GLU C 6 -33.42 1.54 10.69
CA GLU C 6 -32.40 1.24 9.66
C GLU C 6 -31.03 1.80 10.02
N PRO C 7 -30.06 0.90 10.32
CA PRO C 7 -28.69 1.34 10.61
C PRO C 7 -28.08 2.27 9.53
N LEU C 8 -28.43 2.05 8.26
CA LEU C 8 -27.87 2.86 7.18
C LEU C 8 -28.42 4.27 7.21
N LEU C 9 -29.64 4.41 7.70
CA LEU C 9 -30.42 5.62 7.56
C LEU C 9 -30.74 6.38 8.87
N ARG C 10 -30.53 5.74 10.01
CA ARG C 10 -30.90 6.35 11.29
C ARG C 10 -29.88 7.39 11.74
N GLU C 11 -30.28 8.22 12.71
CA GLU C 11 -29.43 9.29 13.25
C GLU C 11 -28.06 8.79 13.70
N ASN C 12 -27.04 9.38 13.10
CA ASN C 12 -25.66 9.11 13.43
C ASN C 12 -24.99 10.43 13.79
N PRO C 13 -24.74 10.65 15.11
CA PRO C 13 -24.09 11.90 15.50
C PRO C 13 -22.61 11.93 15.13
N ARG C 14 -22.05 10.76 14.79
CA ARG C 14 -20.65 10.66 14.40
C ARG C 14 -20.47 10.59 12.86
N ARG C 15 -21.47 11.05 12.12
CA ARG C 15 -21.48 10.85 10.67
C ARG C 15 -20.32 11.57 9.97
N PHE C 16 -19.93 12.71 10.52
CA PHE C 16 -18.87 13.54 9.91
C PHE C 16 -17.50 13.26 10.54
N VAL C 17 -17.47 12.35 11.51
CA VAL C 17 -16.19 11.91 12.06
C VAL C 17 -15.80 10.63 11.33
N ILE C 18 -14.58 10.56 10.83
CA ILE C 18 -14.21 9.42 9.98
C ILE C 18 -13.88 8.13 10.75
N PHE C 19 -13.14 8.24 11.85
CA PHE C 19 -12.71 7.05 12.59
C PHE C 19 -13.50 6.86 13.90
N PRO C 20 -13.48 5.64 14.48
CA PRO C 20 -12.92 4.42 13.89
C PRO C 20 -13.87 3.83 12.85
N ILE C 21 -13.33 3.04 11.95
CA ILE C 21 -14.16 2.36 10.97
C ILE C 21 -14.96 1.25 11.66
N GLU C 22 -16.28 1.24 11.47
CA GLU C 22 -17.12 0.17 12.06
C GLU C 22 -17.70 -0.76 11.00
N TYR C 23 -17.86 -0.26 9.77
CA TYR C 23 -18.35 -1.09 8.68
C TYR C 23 -17.24 -1.37 7.71
N HIS C 24 -16.52 -2.45 8.00
CA HIS C 24 -15.32 -2.75 7.25
C HIS C 24 -15.61 -3.15 5.80
N ASP C 25 -16.73 -3.83 5.57
CA ASP C 25 -17.13 -4.21 4.21
C ASP C 25 -17.34 -2.97 3.31
N ILE C 26 -18.12 -2.03 3.82
CA ILE C 26 -18.43 -0.78 3.13
C ILE C 26 -17.17 0.04 2.90
N TRP C 27 -16.36 0.16 3.96
CA TRP C 27 -15.10 0.87 3.89
C TRP C 27 -14.12 0.32 2.84
N GLN C 28 -14.03 -1.01 2.71
CA GLN C 28 -13.07 -1.58 1.76
C GLN C 28 -13.47 -1.24 0.32
N MET C 29 -14.76 -1.12 0.09
CA MET C 29 -15.27 -0.72 -1.21
C MET C 29 -14.90 0.73 -1.53
N TYR C 30 -14.96 1.61 -0.53
CA TYR C 30 -14.46 2.95 -0.68
C TYR C 30 -12.96 2.96 -0.99
N LYS C 31 -12.19 2.19 -0.23
CA LYS C 31 -10.74 2.08 -0.47
C LYS C 31 -10.44 1.58 -1.87
N LYS C 32 -11.25 0.64 -2.34
CA LYS C 32 -11.08 0.11 -3.67
C LYS C 32 -11.30 1.20 -4.74
N ALA C 33 -12.38 1.96 -4.59
CA ALA C 33 -12.69 3.06 -5.50
C ALA C 33 -11.54 4.06 -5.47
N GLU C 34 -11.13 4.41 -4.26
CA GLU C 34 -10.10 5.40 -4.07
C GLU C 34 -8.81 4.97 -4.78
N ALA C 35 -8.51 3.68 -4.68
CA ALA C 35 -7.29 3.11 -5.26
C ALA C 35 -7.32 3.04 -6.80
N SER C 36 -8.51 3.09 -7.40
CA SER C 36 -8.57 3.00 -8.85
C SER C 36 -8.81 4.36 -9.52
N PHE C 37 -8.56 5.44 -8.77
CA PHE C 37 -8.71 6.81 -9.27
C PHE C 37 -7.95 7.01 -10.57
N TRP C 38 -8.60 7.64 -11.55
CA TRP C 38 -7.95 7.98 -12.80
C TRP C 38 -8.57 9.27 -13.34
N THR C 39 -7.88 9.90 -14.30
CA THR C 39 -8.36 11.13 -14.92
C THR C 39 -8.43 10.97 -16.43
N ALA C 40 -9.27 11.79 -17.05
CA ALA C 40 -9.48 11.72 -18.49
C ALA C 40 -8.19 11.96 -19.25
N GLU C 41 -7.32 12.79 -18.70
CA GLU C 41 -6.03 13.12 -19.28
C GLU C 41 -5.09 11.92 -19.43
N GLU C 42 -5.37 10.85 -18.69
CA GLU C 42 -4.54 9.64 -18.74
C GLU C 42 -4.82 8.77 -19.96
N VAL C 43 -5.97 8.99 -20.62
CA VAL C 43 -6.35 8.18 -21.76
C VAL C 43 -5.74 8.75 -23.07
N ASP C 44 -4.97 7.91 -23.77
CA ASP C 44 -4.31 8.29 -25.01
C ASP C 44 -5.27 8.13 -26.19
N LEU C 45 -5.64 9.27 -26.78
CA LEU C 45 -6.63 9.32 -27.88
C LEU C 45 -5.99 9.53 -29.25
N SER C 46 -4.66 9.56 -29.28
CA SER C 46 -3.89 9.95 -30.47
C SER C 46 -3.98 8.97 -31.64
N LYS C 47 -4.56 7.79 -31.42
CA LYS C 47 -4.70 6.81 -32.51
C LYS C 47 -6.13 6.68 -32.98
N ASP C 48 -7.04 7.40 -32.33
CA ASP C 48 -8.47 7.20 -32.54
C ASP C 48 -9.04 7.84 -33.82
N ILE C 49 -8.62 9.07 -34.13
CA ILE C 49 -9.20 9.78 -35.28
C ILE C 49 -9.08 9.02 -36.61
N GLN C 50 -7.89 8.44 -36.86
CA GLN C 50 -7.71 7.62 -38.07
C GLN C 50 -8.72 6.48 -38.13
N HIS C 51 -8.85 5.73 -37.03
CA HIS C 51 -9.83 4.65 -36.93
C HIS C 51 -11.26 5.19 -37.17
N TRP C 52 -11.58 6.32 -36.53
CA TRP C 52 -12.90 6.94 -36.61
C TRP C 52 -13.28 7.29 -38.04
N GLU C 53 -12.34 7.90 -38.77
CA GLU C 53 -12.57 8.25 -40.18
C GLU C 53 -12.74 7.05 -41.10
N SER C 54 -12.11 5.93 -40.75
CA SER C 54 -12.20 4.71 -41.57
C SER C 54 -13.56 4.03 -41.46
N LEU C 55 -14.33 4.38 -40.43
CA LEU C 55 -15.63 3.75 -40.15
C LEU C 55 -16.69 4.09 -41.20
N LYS C 56 -17.75 3.27 -41.28
CA LYS C 56 -18.94 3.66 -42.04
C LYS C 56 -19.70 4.79 -41.31
N PRO C 57 -20.51 5.56 -42.05
CA PRO C 57 -21.31 6.61 -41.39
C PRO C 57 -22.28 6.06 -40.34
N GLU C 58 -22.84 4.88 -40.61
CA GLU C 58 -23.64 4.08 -39.67
C GLU C 58 -22.98 3.98 -38.31
N GLU C 59 -21.70 3.62 -38.33
CA GLU C 59 -20.95 3.30 -37.14
C GLU C 59 -20.62 4.54 -36.33
N ARG C 60 -20.20 5.61 -37.01
CA ARG C 60 -19.96 6.88 -36.36
C ARG C 60 -21.24 7.42 -35.71
N TYR C 61 -22.38 7.20 -36.36
CA TYR C 61 -23.67 7.62 -35.82
C TYR C 61 -23.96 6.90 -34.50
N PHE C 62 -23.81 5.58 -34.53
CA PHE C 62 -24.03 4.75 -33.35
C PHE C 62 -23.10 5.18 -32.21
N ILE C 63 -21.81 5.31 -32.50
CA ILE C 63 -20.84 5.61 -31.46
C ILE C 63 -21.07 6.99 -30.83
N SER C 64 -21.23 8.03 -31.65
CA SER C 64 -21.46 9.38 -31.14
C SER C 64 -22.72 9.46 -30.26
N HIS C 65 -23.70 8.64 -30.60
CA HIS C 65 -24.95 8.52 -29.84
C HIS C 65 -24.84 7.74 -28.53
N VAL C 66 -24.08 6.65 -28.53
CA VAL C 66 -23.76 5.94 -27.28
C VAL C 66 -22.98 6.86 -26.32
N LEU C 67 -22.05 7.64 -26.87
CA LEU C 67 -21.29 8.60 -26.07
C LEU C 67 -22.17 9.68 -25.45
N ALA C 68 -23.03 10.28 -26.28
CA ALA C 68 -23.99 11.24 -25.82
C ALA C 68 -24.90 10.64 -24.75
N PHE C 69 -25.35 9.41 -24.96
CA PHE C 69 -26.20 8.75 -23.95
C PHE C 69 -25.48 8.57 -22.60
N PHE C 70 -24.23 8.14 -22.64
CA PHE C 70 -23.45 7.93 -21.44
C PHE C 70 -23.21 9.22 -20.68
N ALA C 71 -22.81 10.26 -21.40
CA ALA C 71 -22.50 11.55 -20.81
C ALA C 71 -23.74 12.13 -20.13
N ALA C 72 -24.90 11.95 -20.75
CA ALA C 72 -26.15 12.45 -20.18
C ALA C 72 -26.62 11.64 -18.97
N SER C 73 -26.53 10.31 -19.02
CA SER C 73 -26.96 9.44 -17.91
C SER C 73 -26.12 9.65 -16.66
N ASP C 74 -24.80 9.81 -16.82
CA ASP C 74 -23.93 10.18 -15.72
C ASP C 74 -24.46 11.37 -14.91
N GLY C 75 -25.00 12.37 -15.60
CA GLY C 75 -25.54 13.54 -14.95
C GLY C 75 -26.77 13.21 -14.12
N ILE C 76 -27.53 12.20 -14.55
CA ILE C 76 -28.68 11.77 -13.78
C ILE C 76 -28.22 10.97 -12.56
N VAL C 77 -27.26 10.08 -12.74
CA VAL C 77 -26.68 9.31 -11.62
C VAL C 77 -26.13 10.28 -10.58
N ASN C 78 -25.44 11.29 -11.08
CA ASN C 78 -24.79 12.30 -10.27
C ASN C 78 -25.83 13.08 -9.48
N GLU C 79 -26.86 13.58 -10.17
CA GLU C 79 -27.92 14.31 -9.50
C GLU C 79 -28.50 13.47 -8.35
N ASN C 80 -28.75 12.19 -8.62
CA ASN C 80 -29.32 11.33 -7.59
C ASN C 80 -28.38 11.18 -6.40
N LEU C 81 -27.09 11.05 -6.68
CA LEU C 81 -26.09 10.92 -5.63
C LEU C 81 -25.99 12.19 -4.80
N VAL C 82 -25.91 13.34 -5.47
CA VAL C 82 -25.78 14.64 -4.80
C VAL C 82 -27.03 15.01 -3.98
N GLU C 83 -28.21 14.80 -4.56
CA GLU C 83 -29.43 15.26 -3.89
C GLU C 83 -30.01 14.24 -2.92
N ARG C 84 -29.79 12.96 -3.18
CA ARG C 84 -30.49 11.94 -2.41
C ARG C 84 -29.57 10.99 -1.67
N PHE C 85 -28.91 10.09 -2.39
CA PHE C 85 -28.08 9.05 -1.72
C PHE C 85 -27.06 9.57 -0.69
N SER C 86 -26.20 10.52 -1.10
CA SER C 86 -25.18 11.06 -0.21
C SER C 86 -25.76 11.83 0.97
N GLN C 87 -27.03 12.27 0.88
CA GLN C 87 -27.68 12.99 1.98
C GLN C 87 -28.35 12.04 2.97
N GLU C 88 -29.13 11.09 2.45
CA GLU C 88 -29.98 10.26 3.31
C GLU C 88 -29.24 9.13 4.03
N VAL C 89 -28.18 8.60 3.42
CA VAL C 89 -27.36 7.58 4.08
C VAL C 89 -26.49 8.25 5.16
N GLN C 90 -26.55 7.72 6.38
CA GLN C 90 -25.95 8.39 7.54
C GLN C 90 -24.67 7.73 8.02
N ILE C 91 -24.34 6.56 7.48
CA ILE C 91 -23.10 5.93 7.89
C ILE C 91 -21.92 6.52 7.11
N THR C 92 -20.86 6.82 7.85
CA THR C 92 -19.68 7.50 7.35
C THR C 92 -19.02 6.79 6.17
N GLU C 93 -18.86 5.47 6.29
CA GLU C 93 -18.19 4.68 5.29
C GLU C 93 -18.90 4.79 3.93
N ALA C 94 -20.23 4.82 3.94
CA ALA C 94 -21.00 4.94 2.69
C ALA C 94 -21.00 6.38 2.16
N ARG C 95 -20.99 7.35 3.06
CA ARG C 95 -20.88 8.74 2.67
C ARG C 95 -19.59 9.00 1.92
N CYS C 96 -18.49 8.45 2.42
CA CYS C 96 -17.20 8.48 1.74
C CYS C 96 -17.26 7.78 0.38
N PHE C 97 -17.93 6.64 0.31
CA PHE C 97 -18.04 5.96 -0.98
C PHE C 97 -18.81 6.83 -1.99
N TYR C 98 -19.96 7.33 -1.56
CA TYR C 98 -20.81 8.14 -2.42
C TYR C 98 -20.13 9.46 -2.87
N GLY C 99 -19.39 10.09 -1.96
CA GLY C 99 -18.59 11.26 -2.28
C GLY C 99 -17.55 11.00 -3.36
N PHE C 100 -16.86 9.87 -3.25
CA PHE C 100 -15.91 9.49 -4.28
C PHE C 100 -16.60 9.14 -5.61
N GLN C 101 -17.76 8.50 -5.54
CA GLN C 101 -18.49 8.11 -6.75
C GLN C 101 -18.92 9.36 -7.52
N ILE C 102 -19.34 10.40 -6.79
CA ILE C 102 -19.73 11.67 -7.38
C ILE C 102 -18.56 12.27 -8.18
N ALA C 103 -17.38 12.27 -7.57
CA ALA C 103 -16.19 12.80 -8.22
C ALA C 103 -15.86 11.96 -9.46
N MET C 104 -15.99 10.65 -9.34
CA MET C 104 -15.72 9.76 -10.47
C MET C 104 -16.76 9.91 -11.60
N GLU C 105 -18.02 10.21 -11.26
CA GLU C 105 -19.03 10.42 -12.28
C GLU C 105 -18.69 11.67 -13.12
N ASN C 106 -18.17 12.71 -12.48
CA ASN C 106 -17.78 13.94 -13.18
C ASN C 106 -16.64 13.67 -14.14
N ILE C 107 -15.73 12.81 -13.70
CA ILE C 107 -14.63 12.36 -14.52
C ILE C 107 -15.10 11.50 -15.69
N HIS C 108 -16.04 10.58 -15.45
CA HIS C 108 -16.68 9.81 -16.53
C HIS C 108 -17.35 10.73 -17.57
N SER C 109 -18.17 11.66 -17.10
CA SER C 109 -18.80 12.67 -17.95
C SER C 109 -17.78 13.47 -18.76
N GLU C 110 -16.70 13.88 -18.11
CA GLU C 110 -15.66 14.60 -18.83
C GLU C 110 -15.01 13.75 -19.91
N MET C 111 -14.79 12.48 -19.59
CA MET C 111 -14.15 11.56 -20.53
C MET C 111 -15.01 11.41 -21.79
N TYR C 112 -16.31 11.18 -21.59
CA TYR C 112 -17.24 11.05 -22.72
C TYR C 112 -17.30 12.32 -23.58
N SER C 113 -17.32 13.47 -22.93
CA SER C 113 -17.38 14.76 -23.62
C SER C 113 -16.09 15.07 -24.36
N LEU C 114 -14.98 14.59 -23.82
CA LEU C 114 -13.70 14.74 -24.48
C LEU C 114 -13.61 13.79 -25.68
N LEU C 115 -14.21 12.62 -25.58
CA LEU C 115 -14.25 11.73 -26.73
C LEU C 115 -15.10 12.39 -27.85
N ILE C 116 -16.28 12.89 -27.48
CA ILE C 116 -17.10 13.66 -28.43
C ILE C 116 -16.30 14.79 -29.08
N ASP C 117 -15.61 15.58 -28.28
CA ASP C 117 -14.88 16.72 -28.81
C ASP C 117 -13.75 16.34 -29.73
N THR C 118 -13.15 15.17 -29.47
CA THR C 118 -12.03 14.71 -30.25
C THR C 118 -12.50 14.21 -31.60
N TYR C 119 -13.60 13.45 -31.60
CA TYR C 119 -14.10 12.84 -32.82
C TYR C 119 -14.97 13.79 -33.67
N ILE C 120 -15.69 14.70 -33.00
CA ILE C 120 -16.67 15.57 -33.66
C ILE C 120 -16.22 16.99 -33.51
N LYS C 121 -15.78 17.59 -34.61
CA LYS C 121 -15.29 18.97 -34.58
C LYS C 121 -16.40 20.01 -34.74
N ASP C 122 -17.47 19.66 -35.44
CA ASP C 122 -18.59 20.60 -35.70
C ASP C 122 -19.36 21.02 -34.43
N PRO C 123 -19.27 22.31 -34.07
CA PRO C 123 -19.84 22.84 -32.81
C PRO C 123 -21.34 22.60 -32.67
N LYS C 124 -22.06 22.58 -33.78
CA LYS C 124 -23.50 22.32 -33.77
C LYS C 124 -23.79 20.86 -33.45
N GLU C 125 -22.94 19.97 -33.97
CA GLU C 125 -23.09 18.55 -33.68
C GLU C 125 -22.70 18.26 -32.23
N ARG C 126 -21.65 18.91 -31.74
CA ARG C 126 -21.24 18.76 -30.34
C ARG C 126 -22.41 19.14 -29.42
N GLU C 127 -22.98 20.32 -29.66
CA GLU C 127 -24.07 20.84 -28.85
C GLU C 127 -25.31 19.93 -28.86
N PHE C 128 -25.70 19.48 -30.04
CA PHE C 128 -26.74 18.46 -30.18
C PHE C 128 -26.48 17.24 -29.24
N LEU C 129 -25.24 16.76 -29.25
CA LEU C 129 -24.89 15.56 -28.48
C LEU C 129 -24.83 15.85 -26.99
N PHE C 130 -24.25 16.99 -26.60
CA PHE C 130 -24.24 17.37 -25.18
C PHE C 130 -25.63 17.52 -24.57
N ASN C 131 -26.61 17.88 -25.40
CA ASN C 131 -27.97 18.11 -24.91
C ASN C 131 -28.90 16.95 -25.22
N ALA C 132 -28.35 15.73 -25.21
CA ALA C 132 -29.03 14.50 -25.63
C ALA C 132 -30.37 14.26 -24.95
N ILE C 133 -30.47 14.61 -23.67
CA ILE C 133 -31.72 14.45 -22.95
C ILE C 133 -32.85 15.19 -23.68
N GLU C 134 -32.56 16.36 -24.22
CA GLU C 134 -33.57 17.13 -24.96
C GLU C 134 -33.59 16.94 -26.47
N THR C 135 -32.48 16.48 -27.04
CA THR C 135 -32.35 16.42 -28.50
C THR C 135 -32.45 15.02 -29.10
N MET C 136 -32.30 13.99 -28.27
CA MET C 136 -32.19 12.62 -28.80
C MET C 136 -33.28 11.69 -28.28
N PRO C 137 -34.28 11.37 -29.14
CA PRO C 137 -35.39 10.48 -28.77
C PRO C 137 -34.93 9.13 -28.21
N CYS C 138 -33.84 8.57 -28.73
CA CYS C 138 -33.34 7.24 -28.29
C CYS C 138 -33.00 7.16 -26.80
N VAL C 139 -32.68 8.31 -26.22
CA VAL C 139 -32.24 8.44 -24.84
C VAL C 139 -33.43 8.61 -23.87
N LYS C 140 -34.57 9.03 -24.41
CA LYS C 140 -35.68 9.52 -23.59
C LYS C 140 -36.24 8.55 -22.55
N LYS C 141 -36.52 7.33 -22.97
CA LYS C 141 -37.15 6.33 -22.11
C LYS C 141 -36.26 6.01 -20.89
N LYS C 142 -34.95 5.85 -21.14
CA LYS C 142 -34.02 5.58 -20.05
C LYS C 142 -33.84 6.78 -19.14
N ALA C 143 -33.70 7.97 -19.74
CA ALA C 143 -33.50 9.19 -18.97
C ALA C 143 -34.71 9.47 -18.09
N ASP C 144 -35.90 9.42 -18.67
CA ASP C 144 -37.16 9.62 -17.92
C ASP C 144 -37.30 8.64 -16.77
N TRP C 145 -36.94 7.38 -17.02
CA TRP C 145 -37.06 6.29 -16.03
C TRP C 145 -36.21 6.56 -14.81
N ALA C 146 -34.93 6.85 -15.05
CA ALA C 146 -34.00 7.16 -13.98
C ALA C 146 -34.44 8.40 -13.21
N LEU C 147 -34.80 9.46 -13.95
CA LEU C 147 -35.24 10.72 -13.35
C LEU C 147 -36.48 10.60 -12.48
N ARG C 148 -37.43 9.75 -12.88
CA ARG C 148 -38.60 9.46 -12.06
C ARG C 148 -38.21 8.93 -10.68
N TRP C 149 -37.19 8.09 -10.61
CA TRP C 149 -36.73 7.57 -9.31
C TRP C 149 -36.09 8.63 -8.40
N ILE C 150 -35.58 9.72 -8.99
CA ILE C 150 -35.08 10.84 -8.19
C ILE C 150 -36.27 11.65 -7.64
N GLY C 151 -37.26 11.90 -8.48
CA GLY C 151 -38.46 12.65 -8.07
C GLY C 151 -39.44 11.89 -7.17
N ASP C 152 -39.35 10.56 -7.15
CA ASP C 152 -40.28 9.71 -6.39
C ASP C 152 -40.10 9.93 -4.90
N LYS C 153 -41.06 10.63 -4.31
CA LYS C 153 -41.02 10.98 -2.90
C LYS C 153 -41.57 9.87 -2.00
N GLU C 154 -42.08 8.80 -2.63
CA GLU C 154 -42.67 7.66 -1.90
C GLU C 154 -41.74 6.46 -1.81
N ALA C 155 -40.98 6.21 -2.87
CA ALA C 155 -40.14 5.01 -2.93
C ALA C 155 -39.07 5.01 -1.85
N THR C 156 -38.90 3.85 -1.22
CA THR C 156 -37.92 3.69 -0.18
C THR C 156 -36.51 3.73 -0.76
N TYR C 157 -35.53 3.92 0.11
CA TYR C 157 -34.15 3.88 -0.30
C TYR C 157 -33.85 2.51 -0.89
N GLY C 158 -34.46 1.46 -0.33
CA GLY C 158 -34.29 0.09 -0.81
C GLY C 158 -34.69 -0.08 -2.27
N GLU C 159 -35.82 0.49 -2.64
CA GLU C 159 -36.29 0.44 -4.01
C GLU C 159 -35.43 1.34 -4.93
N ARG C 160 -35.08 2.52 -4.45
CA ARG C 160 -34.33 3.49 -5.27
C ARG C 160 -32.89 3.03 -5.47
N VAL C 161 -32.33 2.36 -4.46
CA VAL C 161 -30.98 1.86 -4.62
C VAL C 161 -30.94 0.71 -5.64
N VAL C 162 -32.04 -0.04 -5.75
CA VAL C 162 -32.12 -1.11 -6.75
C VAL C 162 -32.27 -0.49 -8.13
N ALA C 163 -33.10 0.55 -8.24
CA ALA C 163 -33.31 1.23 -9.51
C ALA C 163 -32.01 1.80 -10.09
N PHE C 164 -31.20 2.42 -9.23
CA PHE C 164 -29.95 2.98 -9.72
C PHE C 164 -28.86 1.96 -9.98
N ALA C 165 -28.97 0.80 -9.34
CA ALA C 165 -28.15 -0.36 -9.75
C ALA C 165 -28.59 -0.84 -11.14
N ALA C 166 -29.88 -0.75 -11.43
CA ALA C 166 -30.39 -1.10 -12.76
C ALA C 166 -29.91 -0.09 -13.80
N VAL C 167 -29.85 1.20 -13.43
CA VAL C 167 -29.32 2.20 -14.33
C VAL C 167 -27.85 1.88 -14.63
N GLU C 168 -27.06 1.80 -13.57
CA GLU C 168 -25.61 1.65 -13.73
C GLU C 168 -25.20 0.27 -14.21
N GLY C 169 -26.08 -0.72 -14.02
CA GLY C 169 -25.78 -2.10 -14.35
C GLY C 169 -26.53 -2.70 -15.52
N ILE C 170 -27.72 -2.20 -15.82
CA ILE C 170 -28.50 -2.75 -16.92
C ILE C 170 -28.57 -1.74 -18.08
N PHE C 171 -28.94 -0.51 -17.79
CA PHE C 171 -29.04 0.55 -18.79
C PHE C 171 -27.72 0.82 -19.48
N PHE C 172 -26.59 0.56 -18.82
CA PHE C 172 -25.26 0.78 -19.40
C PHE C 172 -24.68 -0.47 -20.07
N SER C 173 -25.22 -1.63 -19.73
CA SER C 173 -24.64 -2.92 -20.08
C SER C 173 -24.55 -3.16 -21.58
N GLY C 174 -25.61 -2.80 -22.31
CA GLY C 174 -25.63 -2.93 -23.77
C GLY C 174 -24.62 -2.02 -24.44
N SER C 175 -24.51 -0.79 -23.94
CA SER C 175 -23.57 0.13 -24.54
C SER C 175 -22.13 -0.27 -24.22
N PHE C 176 -21.87 -0.74 -22.99
CA PHE C 176 -20.51 -1.23 -22.66
C PHE C 176 -20.13 -2.39 -23.56
N ALA C 177 -21.04 -3.35 -23.72
CA ALA C 177 -20.80 -4.49 -24.61
C ALA C 177 -20.49 -4.05 -26.05
N SER C 178 -21.20 -3.02 -26.52
CA SER C 178 -20.98 -2.41 -27.84
C SER C 178 -19.57 -1.95 -28.07
N ILE C 179 -19.01 -1.33 -27.05
CA ILE C 179 -17.68 -0.79 -27.19
C ILE C 179 -16.66 -1.94 -27.07
N PHE C 180 -16.98 -2.93 -26.25
CA PHE C 180 -16.15 -4.12 -26.17
C PHE C 180 -16.18 -4.88 -27.51
N TRP C 181 -17.32 -4.83 -28.20
CA TRP C 181 -17.42 -5.34 -29.59
C TRP C 181 -16.44 -4.63 -30.52
N LEU C 182 -16.37 -3.30 -30.42
CA LEU C 182 -15.38 -2.53 -31.18
C LEU C 182 -13.94 -2.91 -30.84
N LYS C 183 -13.66 -3.19 -29.56
CA LYS C 183 -12.34 -3.67 -29.14
C LYS C 183 -12.03 -4.97 -29.89
N LYS C 184 -13.02 -5.87 -29.92
CA LYS C 184 -12.89 -7.12 -30.63
C LYS C 184 -12.53 -6.92 -32.11
N ARG C 185 -12.99 -5.81 -32.69
CA ARG C 185 -12.69 -5.47 -34.08
C ARG C 185 -11.40 -4.67 -34.24
N GLY C 186 -10.72 -4.38 -33.15
CA GLY C 186 -9.44 -3.67 -33.18
C GLY C 186 -9.54 -2.18 -33.45
N LEU C 187 -10.69 -1.58 -33.13
CA LEU C 187 -10.97 -0.18 -33.46
C LEU C 187 -10.97 0.74 -32.25
N MET C 188 -10.39 1.93 -32.40
CA MET C 188 -10.49 3.03 -31.42
C MET C 188 -9.89 2.71 -30.04
N PRO C 189 -8.55 2.60 -29.95
CA PRO C 189 -7.90 2.22 -28.68
C PRO C 189 -8.28 3.12 -27.50
N GLY C 190 -8.31 4.44 -27.71
CA GLY C 190 -8.67 5.40 -26.68
C GLY C 190 -10.07 5.15 -26.15
N LEU C 191 -11.04 5.00 -27.06
CA LEU C 191 -12.41 4.67 -26.69
C LEU C 191 -12.51 3.36 -25.91
N THR C 192 -11.84 2.32 -26.41
CA THR C 192 -11.98 1.02 -25.78
C THR C 192 -11.29 0.94 -24.42
N PHE C 193 -10.16 1.61 -24.26
CA PHE C 193 -9.47 1.61 -22.98
C PHE C 193 -10.28 2.37 -21.92
N SER C 194 -10.76 3.56 -22.27
CA SER C 194 -11.61 4.35 -21.36
C SER C 194 -12.88 3.58 -21.00
N ASN C 195 -13.42 2.84 -21.96
CA ASN C 195 -14.54 1.92 -21.71
C ASN C 195 -14.23 0.84 -20.66
N GLU C 196 -13.00 0.34 -20.68
CA GLU C 196 -12.58 -0.62 -19.66
C GLU C 196 -12.59 0.01 -18.27
N LEU C 197 -12.04 1.21 -18.14
CA LEU C 197 -12.01 1.91 -16.85
C LEU C 197 -13.38 2.26 -16.36
N ILE C 198 -14.21 2.78 -17.24
CA ILE C 198 -15.54 3.22 -16.85
C ILE C 198 -16.45 2.06 -16.49
N SER C 199 -16.44 0.99 -17.30
CA SER C 199 -17.30 -0.14 -16.97
C SER C 199 -16.85 -0.86 -15.69
N ARG C 200 -15.55 -0.88 -15.42
CA ARG C 200 -15.02 -1.35 -14.14
C ARG C 200 -15.61 -0.49 -13.00
N ASP C 201 -15.48 0.83 -13.10
CA ASP C 201 -16.04 1.76 -12.11
C ASP C 201 -17.52 1.54 -11.87
N GLU C 202 -18.27 1.39 -12.96
CA GLU C 202 -19.71 1.19 -12.88
C GLU C 202 -20.06 -0.16 -12.27
N GLY C 203 -19.29 -1.20 -12.59
CA GLY C 203 -19.42 -2.51 -11.91
C GLY C 203 -19.22 -2.37 -10.41
N LEU C 204 -18.22 -1.61 -10.00
CA LEU C 204 -18.00 -1.34 -8.58
C LEU C 204 -19.17 -0.56 -7.96
N HIS C 205 -19.70 0.42 -8.69
CA HIS C 205 -20.88 1.16 -8.19
C HIS C 205 -22.10 0.28 -8.00
N CYS C 206 -22.27 -0.72 -8.88
CA CYS C 206 -23.37 -1.68 -8.75
C CYS C 206 -23.14 -2.63 -7.58
N ASP C 207 -21.90 -3.12 -7.43
CA ASP C 207 -21.54 -3.97 -6.29
C ASP C 207 -21.82 -3.22 -4.97
N PHE C 208 -21.59 -1.91 -4.98
CA PHE C 208 -21.81 -1.13 -3.78
C PHE C 208 -23.29 -1.03 -3.49
N ALA C 209 -24.11 -0.78 -4.54
CA ALA C 209 -25.55 -0.78 -4.37
C ALA C 209 -26.04 -2.08 -3.71
N CYS C 210 -25.45 -3.20 -4.16
CA CYS C 210 -25.84 -4.53 -3.67
C CYS C 210 -25.44 -4.70 -2.21
N LEU C 211 -24.27 -4.20 -1.87
CA LEU C 211 -23.81 -4.20 -0.49
C LEU C 211 -24.68 -3.31 0.41
N MET C 212 -25.09 -2.15 -0.10
CA MET C 212 -26.01 -1.29 0.66
C MET C 212 -27.33 -2.02 0.88
N PHE C 213 -27.86 -2.59 -0.19
CA PHE C 213 -29.13 -3.32 -0.17
C PHE C 213 -29.14 -4.42 0.89
N LYS C 214 -28.06 -5.20 0.92
CA LYS C 214 -27.87 -6.26 1.90
C LYS C 214 -27.83 -5.76 3.36
N HIS C 215 -27.49 -4.48 3.56
CA HIS C 215 -27.42 -3.89 4.91
C HIS C 215 -28.72 -3.30 5.38
N LEU C 216 -29.74 -3.37 4.52
CA LEU C 216 -31.04 -2.89 4.88
C LEU C 216 -31.78 -3.94 5.71
N VAL C 217 -32.61 -3.46 6.64
CA VAL C 217 -33.38 -4.36 7.49
C VAL C 217 -34.70 -4.65 6.80
N HIS C 218 -35.36 -3.62 6.29
CA HIS C 218 -36.58 -3.81 5.51
C HIS C 218 -36.32 -3.60 4.02
N LYS C 219 -36.10 -4.72 3.33
CA LYS C 219 -35.91 -4.76 1.88
C LYS C 219 -37.22 -4.81 1.14
N PRO C 220 -37.27 -4.27 -0.09
CA PRO C 220 -38.44 -4.56 -0.91
C PRO C 220 -38.51 -6.06 -1.20
N SER C 221 -39.72 -6.57 -1.46
CA SER C 221 -39.93 -8.00 -1.77
C SER C 221 -39.24 -8.37 -3.07
N GLU C 222 -38.92 -9.67 -3.21
CA GLU C 222 -38.36 -10.19 -4.45
C GLU C 222 -39.27 -9.81 -5.62
N GLU C 223 -40.57 -9.79 -5.34
CA GLU C 223 -41.58 -9.49 -6.32
C GLU C 223 -41.35 -8.09 -6.87
N ARG C 224 -41.28 -7.13 -5.96
CA ARG C 224 -41.08 -5.73 -6.30
C ARG C 224 -39.77 -5.52 -7.07
N VAL C 225 -38.71 -6.21 -6.65
CA VAL C 225 -37.42 -6.12 -7.29
C VAL C 225 -37.44 -6.68 -8.74
N ARG C 226 -38.01 -7.88 -8.90
CA ARG C 226 -38.28 -8.46 -10.22
C ARG C 226 -38.97 -7.46 -11.12
N GLU C 227 -40.05 -6.86 -10.61
CA GLU C 227 -40.78 -5.80 -11.31
C GLU C 227 -39.83 -4.71 -11.88
N ILE C 228 -39.04 -4.10 -11.00
CA ILE C 228 -38.17 -2.99 -11.36
C ILE C 228 -37.14 -3.45 -12.40
N ILE C 229 -36.52 -4.59 -12.13
CA ILE C 229 -35.45 -5.15 -12.95
C ILE C 229 -35.92 -5.57 -14.35
N ILE C 230 -37.09 -6.24 -14.42
CA ILE C 230 -37.69 -6.63 -15.69
C ILE C 230 -38.03 -5.40 -16.54
N ASN C 231 -38.68 -4.41 -15.93
CA ASN C 231 -38.94 -3.14 -16.60
C ASN C 231 -37.66 -2.53 -17.21
N ALA C 232 -36.57 -2.50 -16.44
CA ALA C 232 -35.30 -1.95 -16.93
C ALA C 232 -34.73 -2.74 -18.11
N VAL C 233 -34.76 -4.07 -18.01
CA VAL C 233 -34.32 -4.96 -19.09
C VAL C 233 -35.05 -4.66 -20.40
N ARG C 234 -36.36 -4.48 -20.33
CA ARG C 234 -37.20 -4.24 -21.53
C ARG C 234 -36.88 -2.91 -22.18
N ILE C 235 -36.69 -1.89 -21.36
CA ILE C 235 -36.29 -0.58 -21.82
C ILE C 235 -34.91 -0.65 -22.52
N GLU C 236 -33.97 -1.33 -21.89
CA GLU C 236 -32.63 -1.51 -22.46
C GLU C 236 -32.65 -2.29 -23.77
N GLN C 237 -33.41 -3.38 -23.80
CA GLN C 237 -33.57 -4.16 -25.03
C GLN C 237 -34.17 -3.33 -26.18
N GLU C 238 -35.14 -2.50 -25.85
CA GLU C 238 -35.76 -1.59 -26.81
C GLU C 238 -34.71 -0.61 -27.37
N PHE C 239 -33.91 -0.04 -26.47
CA PHE C 239 -32.88 0.91 -26.86
C PHE C 239 -31.90 0.29 -27.85
N LEU C 240 -31.50 -0.95 -27.60
CA LEU C 240 -30.46 -1.62 -28.38
C LEU C 240 -30.95 -2.33 -29.65
N THR C 241 -32.25 -2.57 -29.73
CA THR C 241 -32.81 -3.25 -30.89
C THR C 241 -33.65 -2.34 -31.78
N GLU C 242 -34.21 -1.27 -31.19
CA GLU C 242 -35.12 -0.36 -31.90
C GLU C 242 -34.63 1.09 -31.99
N ALA C 243 -34.37 1.69 -30.84
CA ALA C 243 -34.03 3.11 -30.77
C ALA C 243 -32.67 3.40 -31.38
N LEU C 244 -31.70 2.53 -31.11
CA LEU C 244 -30.34 2.69 -31.62
C LEU C 244 -29.79 1.29 -31.88
N PRO C 245 -30.20 0.68 -33.01
CA PRO C 245 -29.92 -0.75 -33.22
C PRO C 245 -28.42 -1.03 -33.24
N VAL C 246 -28.02 -2.08 -32.52
CA VAL C 246 -26.63 -2.53 -32.48
C VAL C 246 -26.14 -3.08 -33.83
N LYS C 247 -27.08 -3.40 -34.73
CA LYS C 247 -26.78 -3.76 -36.13
C LYS C 247 -25.86 -2.72 -36.76
N LEU C 248 -26.07 -1.46 -36.40
CA LEU C 248 -25.31 -0.35 -36.95
C LEU C 248 -23.80 -0.55 -36.81
N ILE C 249 -23.37 -1.29 -35.79
CA ILE C 249 -21.97 -1.63 -35.64
C ILE C 249 -21.69 -3.12 -35.87
N GLY C 250 -22.67 -3.82 -36.45
CA GLY C 250 -22.47 -5.20 -36.86
C GLY C 250 -22.81 -6.26 -35.83
N MET C 251 -23.52 -5.91 -34.77
CA MET C 251 -23.83 -6.90 -33.73
C MET C 251 -25.18 -7.57 -33.98
N ASN C 252 -25.34 -8.74 -33.38
CA ASN C 252 -26.57 -9.50 -33.43
C ASN C 252 -27.55 -9.05 -32.36
N CYS C 253 -28.63 -8.39 -32.78
CA CYS C 253 -29.67 -7.86 -31.90
C CYS C 253 -30.26 -8.92 -30.97
N THR C 254 -30.47 -10.12 -31.50
CA THR C 254 -31.06 -11.23 -30.73
C THR C 254 -30.14 -11.68 -29.60
N LEU C 255 -28.87 -11.87 -29.89
CA LEU C 255 -27.89 -12.20 -28.85
C LEU C 255 -27.75 -11.05 -27.83
N MET C 256 -27.81 -9.81 -28.31
CA MET C 256 -27.70 -8.64 -27.44
C MET C 256 -28.80 -8.61 -26.39
N LYS C 257 -30.03 -8.93 -26.81
CA LYS C 257 -31.15 -9.06 -25.90
C LYS C 257 -30.89 -10.10 -24.82
N GLN C 258 -30.30 -11.22 -25.23
CA GLN C 258 -29.96 -12.30 -24.30
C GLN C 258 -28.91 -11.85 -23.27
N TYR C 259 -27.90 -11.11 -23.74
CA TYR C 259 -26.87 -10.59 -22.85
C TYR C 259 -27.46 -9.72 -21.73
N ILE C 260 -28.39 -8.83 -22.10
CA ILE C 260 -29.05 -7.95 -21.13
C ILE C 260 -29.73 -8.76 -20.04
N GLU C 261 -30.38 -9.85 -20.43
CA GLU C 261 -31.07 -10.72 -19.48
C GLU C 261 -30.12 -11.51 -18.58
N PHE C 262 -28.98 -11.92 -19.13
CA PHE C 262 -27.91 -12.52 -18.34
C PHE C 262 -27.39 -11.54 -17.28
N VAL C 263 -27.24 -10.28 -17.67
CA VAL C 263 -26.73 -9.21 -16.80
C VAL C 263 -27.71 -8.99 -15.66
N ALA C 264 -28.99 -8.92 -15.99
CA ALA C 264 -30.06 -8.73 -15.02
C ALA C 264 -30.12 -9.90 -14.03
N ASP C 265 -29.98 -11.13 -14.54
CA ASP C 265 -29.91 -12.32 -13.69
C ASP C 265 -28.77 -12.25 -12.68
N ARG C 266 -27.59 -11.82 -13.13
CA ARG C 266 -26.43 -11.72 -12.26
C ARG C 266 -26.62 -10.65 -11.18
N LEU C 267 -27.29 -9.56 -11.54
CA LEU C 267 -27.62 -8.51 -10.58
C LEU C 267 -28.60 -9.06 -9.55
N MET C 268 -29.61 -9.79 -10.02
CA MET C 268 -30.63 -10.37 -9.16
C MET C 268 -30.03 -11.29 -8.10
N LEU C 269 -29.11 -12.15 -8.54
CA LEU C 269 -28.36 -13.04 -7.66
C LEU C 269 -27.50 -12.25 -6.66
N GLU C 270 -26.81 -11.23 -7.16
CA GLU C 270 -26.00 -10.38 -6.30
C GLU C 270 -26.86 -9.59 -5.29
N LEU C 271 -28.12 -9.33 -5.65
CA LEU C 271 -29.06 -8.73 -4.72
C LEU C 271 -29.67 -9.72 -3.71
N GLY C 272 -29.30 -11.00 -3.83
CA GLY C 272 -29.79 -12.05 -2.94
C GLY C 272 -31.13 -12.66 -3.34
N PHE C 273 -31.46 -12.57 -4.62
CA PHE C 273 -32.69 -13.17 -5.14
C PHE C 273 -32.40 -14.30 -6.14
N SER C 274 -33.45 -14.87 -6.76
CA SER C 274 -33.29 -15.90 -7.79
C SER C 274 -33.23 -15.30 -9.19
N LYS C 275 -32.58 -16.01 -10.11
CA LYS C 275 -32.57 -15.65 -11.53
C LYS C 275 -33.97 -15.42 -12.07
N VAL C 276 -34.08 -14.61 -13.11
CA VAL C 276 -35.38 -14.29 -13.69
C VAL C 276 -35.52 -14.91 -15.08
N PHE C 277 -34.47 -14.83 -15.89
CA PHE C 277 -34.55 -15.22 -17.29
C PHE C 277 -33.84 -16.55 -17.52
N ARG C 278 -32.84 -16.84 -16.69
CA ARG C 278 -32.10 -18.11 -16.70
C ARG C 278 -31.38 -18.40 -18.02
N VAL C 279 -30.91 -17.33 -18.68
CA VAL C 279 -30.16 -17.47 -19.92
C VAL C 279 -28.66 -17.42 -19.70
N GLU C 280 -27.93 -17.90 -20.69
CA GLU C 280 -26.49 -17.93 -20.72
C GLU C 280 -25.98 -16.58 -21.19
N ASN C 281 -24.72 -16.25 -20.88
CA ASN C 281 -24.04 -15.11 -21.47
C ASN C 281 -23.62 -15.46 -22.90
N PRO C 282 -24.22 -14.80 -23.91
CA PRO C 282 -23.93 -15.11 -25.31
C PRO C 282 -22.61 -14.56 -25.81
N PHE C 283 -21.96 -13.69 -25.03
CA PHE C 283 -20.76 -13.01 -25.49
C PHE C 283 -19.50 -13.51 -24.78
N ASP C 284 -18.62 -14.16 -25.52
CA ASP C 284 -17.34 -14.66 -25.00
C ASP C 284 -16.49 -13.50 -24.53
N PHE C 285 -16.64 -12.35 -25.19
CA PHE C 285 -15.82 -11.18 -24.93
C PHE C 285 -16.27 -10.35 -23.72
N MET C 286 -17.38 -10.72 -23.08
CA MET C 286 -17.86 -10.06 -21.86
C MET C 286 -17.70 -10.98 -20.65
N MET D 1 2.97 -40.05 6.85
CA MET D 1 3.28 -40.67 8.18
C MET D 1 4.69 -41.28 8.16
N GLY D 2 5.63 -40.74 8.93
CA GLY D 2 5.38 -39.70 9.95
C GLY D 2 5.14 -38.27 9.50
N VAL D 3 5.86 -37.83 8.45
CA VAL D 3 5.73 -36.45 7.91
C VAL D 3 4.84 -36.27 6.65
N GLU D 4 4.58 -37.35 5.93
CA GLU D 4 3.73 -37.28 4.71
C GLU D 4 2.26 -36.92 4.96
N ASP D 5 1.84 -37.01 6.23
N ASP D 5 1.84 -37.00 6.22
CA ASP D 5 0.49 -36.62 6.64
CA ASP D 5 0.49 -36.61 6.62
C ASP D 5 0.50 -35.24 7.29
C ASP D 5 0.38 -35.11 6.88
N GLU D 6 1.54 -34.46 7.00
CA GLU D 6 1.62 -33.06 7.44
C GLU D 6 1.75 -32.09 6.26
N PRO D 7 0.71 -31.29 6.01
CA PRO D 7 0.74 -30.30 4.92
C PRO D 7 1.95 -29.35 4.98
N LEU D 8 2.40 -29.01 6.19
CA LEU D 8 3.52 -28.09 6.38
C LEU D 8 4.83 -28.74 5.96
N LEU D 9 4.92 -30.05 6.15
CA LEU D 9 6.16 -30.78 6.04
C LEU D 9 6.24 -31.75 4.85
N ARG D 10 5.12 -32.02 4.20
CA ARG D 10 5.11 -33.03 3.13
C ARG D 10 5.62 -32.46 1.81
N GLU D 11 5.91 -33.37 0.88
CA GLU D 11 6.47 -33.02 -0.44
C GLU D 11 5.64 -32.01 -1.20
N ASN D 12 6.32 -30.92 -1.54
CA ASN D 12 5.74 -29.86 -2.32
C ASN D 12 6.63 -29.59 -3.54
N PRO D 13 6.19 -30.06 -4.73
CA PRO D 13 6.96 -29.79 -5.94
C PRO D 13 6.88 -28.31 -6.35
N ARG D 14 5.96 -27.56 -5.76
CA ARG D 14 5.82 -26.13 -6.06
C ARG D 14 6.45 -25.20 -4.99
N ARG D 15 7.33 -25.75 -4.16
CA ARG D 15 7.83 -25.01 -2.99
C ARG D 15 8.60 -23.74 -3.39
N PHE D 16 9.29 -23.78 -4.52
CA PHE D 16 10.10 -22.64 -5.01
C PHE D 16 9.35 -21.76 -6.00
N VAL D 17 8.09 -22.10 -6.26
CA VAL D 17 7.24 -21.23 -7.06
C VAL D 17 6.40 -20.43 -6.08
N ILE D 18 6.38 -19.12 -6.23
CA ILE D 18 5.75 -18.29 -5.21
C ILE D 18 4.22 -18.22 -5.32
N PHE D 19 3.71 -18.09 -6.54
CA PHE D 19 2.26 -17.94 -6.74
C PHE D 19 1.61 -19.24 -7.26
N PRO D 20 0.27 -19.38 -7.12
CA PRO D 20 -0.59 -18.46 -6.36
C PRO D 20 -0.46 -18.75 -4.88
N ILE D 21 -0.80 -17.76 -4.06
CA ILE D 21 -0.80 -17.93 -2.62
C ILE D 21 -1.98 -18.84 -2.22
N GLU D 22 -1.69 -19.87 -1.43
CA GLU D 22 -2.71 -20.80 -0.96
C GLU D 22 -2.95 -20.70 0.53
N TYR D 23 -1.92 -20.32 1.28
CA TYR D 23 -2.05 -20.12 2.73
C TYR D 23 -2.02 -18.64 3.06
N HIS D 24 -3.20 -18.03 3.02
CA HIS D 24 -3.32 -16.59 3.13
C HIS D 24 -2.95 -16.05 4.51
N ASP D 25 -3.23 -16.83 5.56
CA ASP D 25 -2.89 -16.45 6.93
C ASP D 25 -1.35 -16.37 7.12
N ILE D 26 -0.66 -17.40 6.68
CA ILE D 26 0.80 -17.49 6.73
C ILE D 26 1.44 -16.37 5.89
N TRP D 27 0.94 -16.22 4.66
CA TRP D 27 1.39 -15.16 3.78
C TRP D 27 1.25 -13.74 4.36
N GLN D 28 0.11 -13.45 4.99
CA GLN D 28 -0.15 -12.15 5.61
C GLN D 28 0.88 -11.81 6.72
N MET D 29 1.33 -12.82 7.45
CA MET D 29 2.38 -12.64 8.44
C MET D 29 3.74 -12.33 7.79
N TYR D 30 4.02 -12.95 6.65
CA TYR D 30 5.21 -12.59 5.90
C TYR D 30 5.12 -11.14 5.40
N LYS D 31 3.98 -10.77 4.84
CA LYS D 31 3.73 -9.39 4.43
C LYS D 31 3.91 -8.41 5.58
N LYS D 32 3.41 -8.76 6.75
CA LYS D 32 3.59 -7.94 7.92
C LYS D 32 5.08 -7.75 8.24
N ALA D 33 5.85 -8.84 8.22
CA ALA D 33 7.29 -8.79 8.50
C ALA D 33 7.99 -7.90 7.49
N GLU D 34 7.73 -8.18 6.21
CA GLU D 34 8.33 -7.43 5.13
C GLU D 34 8.03 -5.92 5.28
N ALA D 35 6.79 -5.60 5.65
CA ALA D 35 6.35 -4.20 5.77
C ALA D 35 6.99 -3.46 6.96
N SER D 36 7.50 -4.18 7.95
CA SER D 36 8.12 -3.50 9.09
C SER D 36 9.65 -3.56 9.05
N PHE D 37 10.20 -3.81 7.86
CA PHE D 37 11.64 -3.84 7.65
C PHE D 37 12.31 -2.57 8.17
N TRP D 38 13.43 -2.75 8.88
CA TRP D 38 14.23 -1.63 9.34
C TRP D 38 15.70 -2.05 9.41
N THR D 39 16.59 -1.06 9.50
CA THR D 39 18.02 -1.33 9.59
C THR D 39 18.59 -0.65 10.82
N ALA D 40 19.74 -1.14 11.29
CA ALA D 40 20.39 -0.60 12.47
C ALA D 40 20.73 0.87 12.31
N GLU D 41 21.08 1.27 11.09
CA GLU D 41 21.42 2.66 10.77
C GLU D 41 20.28 3.66 11.05
N GLU D 42 19.05 3.17 11.13
CA GLU D 42 17.90 4.05 11.34
C GLU D 42 17.76 4.48 12.80
N VAL D 43 18.44 3.79 13.71
CA VAL D 43 18.33 4.10 15.13
C VAL D 43 19.34 5.21 15.54
N ASP D 44 18.83 6.29 16.10
CA ASP D 44 19.64 7.42 16.52
C ASP D 44 20.23 7.16 17.91
N LEU D 45 21.55 6.98 17.95
CA LEU D 45 22.28 6.65 19.19
C LEU D 45 22.99 7.84 19.81
N SER D 46 22.82 9.01 19.19
CA SER D 46 23.56 10.23 19.53
C SER D 46 23.27 10.82 20.90
N LYS D 47 22.24 10.33 21.60
CA LYS D 47 21.95 10.86 22.94
C LYS D 47 22.31 9.86 24.04
N ASP D 48 22.72 8.66 23.64
CA ASP D 48 22.87 7.55 24.56
C ASP D 48 24.11 7.59 25.47
N ILE D 49 25.26 8.02 24.93
CA ILE D 49 26.51 7.98 25.71
C ILE D 49 26.43 8.81 27.01
N GLN D 50 25.89 10.03 26.93
CA GLN D 50 25.71 10.86 28.13
C GLN D 50 24.90 10.13 29.21
N HIS D 51 23.76 9.56 28.81
CA HIS D 51 22.94 8.76 29.74
C HIS D 51 23.72 7.55 30.30
N TRP D 52 24.44 6.86 29.42
CA TRP D 52 25.25 5.70 29.79
C TRP D 52 26.30 6.07 30.85
N GLU D 53 27.01 7.17 30.62
CA GLU D 53 28.01 7.68 31.57
C GLU D 53 27.43 8.09 32.95
N SER D 54 26.18 8.54 32.97
CA SER D 54 25.53 8.91 34.22
C SER D 54 25.10 7.72 35.08
N LEU D 55 25.09 6.52 34.47
CA LEU D 55 24.61 5.32 35.18
C LEU D 55 25.56 4.87 36.28
N LYS D 56 25.05 4.11 37.23
CA LYS D 56 25.91 3.44 38.21
C LYS D 56 26.63 2.27 37.52
N PRO D 57 27.83 1.91 38.02
CA PRO D 57 28.59 0.80 37.41
C PRO D 57 27.80 -0.50 37.24
N GLU D 58 26.98 -0.83 38.24
CA GLU D 58 26.22 -2.08 38.22
C GLU D 58 25.13 -2.07 37.14
N GLU D 59 24.63 -0.88 36.80
CA GLU D 59 23.64 -0.72 35.76
C GLU D 59 24.25 -0.92 34.38
N ARG D 60 25.42 -0.31 34.16
CA ARG D 60 26.19 -0.55 32.95
C ARG D 60 26.56 -2.03 32.81
N TYR D 61 26.90 -2.67 33.92
CA TYR D 61 27.24 -4.10 33.91
C TYR D 61 26.03 -4.91 33.42
N PHE D 62 24.87 -4.66 34.05
CA PHE D 62 23.63 -5.32 33.67
C PHE D 62 23.27 -5.08 32.21
N ILE D 63 23.39 -3.84 31.76
CA ILE D 63 22.97 -3.54 30.38
C ILE D 63 23.90 -4.18 29.36
N SER D 64 25.21 -4.01 29.51
CA SER D 64 26.17 -4.65 28.61
C SER D 64 25.97 -6.18 28.50
N HIS D 65 25.60 -6.79 29.62
CA HIS D 65 25.36 -8.22 29.68
C HIS D 65 24.05 -8.70 29.01
N VAL D 66 22.98 -7.93 29.19
CA VAL D 66 21.72 -8.19 28.46
C VAL D 66 21.94 -8.06 26.94
N LEU D 67 22.73 -7.07 26.54
CA LEU D 67 23.05 -6.88 25.12
C LEU D 67 23.86 -8.06 24.57
N ALA D 68 24.90 -8.45 25.29
CA ALA D 68 25.68 -9.64 24.93
C ALA D 68 24.79 -10.88 24.85
N PHE D 69 23.87 -11.02 25.79
CA PHE D 69 22.96 -12.16 25.77
C PHE D 69 22.07 -12.18 24.52
N PHE D 70 21.50 -11.03 24.19
CA PHE D 70 20.63 -10.92 23.03
C PHE D 70 21.35 -11.23 21.72
N ALA D 71 22.56 -10.65 21.57
CA ALA D 71 23.33 -10.80 20.36
C ALA D 71 23.71 -12.27 20.14
N ALA D 72 24.08 -12.95 21.23
CA ALA D 72 24.43 -14.36 21.19
C ALA D 72 23.21 -15.25 20.90
N SER D 73 22.10 -14.99 21.58
CA SER D 73 20.87 -15.79 21.41
C SER D 73 20.33 -15.74 19.98
N ASP D 74 20.37 -14.55 19.38
CA ASP D 74 20.01 -14.38 17.97
C ASP D 74 20.74 -15.35 17.05
N GLY D 75 22.01 -15.57 17.32
CA GLY D 75 22.82 -16.48 16.53
C GLY D 75 22.32 -17.91 16.63
N ILE D 76 21.80 -18.28 17.79
CA ILE D 76 21.24 -19.59 17.98
C ILE D 76 19.88 -19.72 17.25
N VAL D 77 19.04 -18.69 17.37
CA VAL D 77 17.76 -18.64 16.65
C VAL D 77 18.01 -18.74 15.14
N ASN D 78 18.97 -17.96 14.67
CA ASN D 78 19.41 -17.91 13.28
C ASN D 78 19.89 -19.28 12.80
N GLU D 79 20.81 -19.89 13.57
CA GLU D 79 21.28 -21.22 13.22
C GLU D 79 20.10 -22.20 13.04
N ASN D 80 19.17 -22.19 13.99
CA ASN D 80 18.02 -23.09 13.91
C ASN D 80 17.18 -22.84 12.66
N LEU D 81 16.96 -21.57 12.34
CA LEU D 81 16.21 -21.21 11.13
C LEU D 81 16.92 -21.66 9.85
N VAL D 82 18.22 -21.40 9.77
CA VAL D 82 19.02 -21.72 8.58
C VAL D 82 19.17 -23.24 8.38
N GLU D 83 19.48 -23.95 9.47
CA GLU D 83 19.73 -25.39 9.35
C GLU D 83 18.47 -26.26 9.43
N ARG D 84 17.46 -25.83 10.17
CA ARG D 84 16.31 -26.69 10.39
C ARG D 84 15.00 -26.14 9.85
N PHE D 85 14.44 -25.09 10.47
CA PHE D 85 13.07 -24.62 10.08
C PHE D 85 12.89 -24.25 8.60
N SER D 86 13.81 -23.47 8.04
CA SER D 86 13.68 -23.05 6.65
C SER D 86 13.86 -24.20 5.67
N GLN D 87 14.50 -25.29 6.12
CA GLN D 87 14.72 -26.47 5.27
C GLN D 87 13.54 -27.44 5.31
N GLU D 88 13.04 -27.73 6.51
CA GLU D 88 12.05 -28.80 6.68
C GLU D 88 10.61 -28.40 6.32
N VAL D 89 10.26 -27.13 6.56
CA VAL D 89 8.93 -26.66 6.17
C VAL D 89 8.90 -26.49 4.66
N GLN D 90 7.90 -27.07 4.00
CA GLN D 90 7.86 -27.17 2.55
C GLN D 90 6.88 -26.22 1.90
N ILE D 91 6.07 -25.54 2.71
CA ILE D 91 5.14 -24.57 2.13
C ILE D 91 5.85 -23.23 1.87
N THR D 92 5.63 -22.70 0.68
CA THR D 92 6.24 -21.47 0.19
C THR D 92 6.03 -20.28 1.10
N GLU D 93 4.80 -20.06 1.56
CA GLU D 93 4.47 -18.90 2.38
C GLU D 93 5.31 -18.88 3.67
N ALA D 94 5.54 -20.05 4.25
CA ALA D 94 6.37 -20.17 5.46
C ALA D 94 7.86 -20.02 5.16
N ARG D 95 8.29 -20.53 4.02
CA ARG D 95 9.69 -20.39 3.63
C ARG D 95 10.03 -18.92 3.45
N CYS D 96 9.13 -18.18 2.81
CA CYS D 96 9.26 -16.74 2.70
C CYS D 96 9.36 -16.07 4.06
N PHE D 97 8.48 -16.46 4.99
CA PHE D 97 8.54 -15.85 6.34
C PHE D 97 9.87 -16.14 7.03
N TYR D 98 10.27 -17.40 7.01
CA TYR D 98 11.52 -17.80 7.65
C TYR D 98 12.76 -17.15 7.00
N GLY D 99 12.75 -17.03 5.68
CA GLY D 99 13.80 -16.34 4.96
C GLY D 99 13.94 -14.90 5.41
N PHE D 100 12.80 -14.23 5.58
CA PHE D 100 12.81 -12.88 6.05
C PHE D 100 13.19 -12.79 7.54
N GLN D 101 12.78 -13.78 8.33
CA GLN D 101 13.16 -13.78 9.75
C GLN D 101 14.70 -13.89 9.91
N ILE D 102 15.33 -14.70 9.05
CA ILE D 102 16.79 -14.88 9.10
C ILE D 102 17.48 -13.54 8.86
N ALA D 103 17.03 -12.84 7.82
CA ALA D 103 17.52 -11.51 7.50
C ALA D 103 17.30 -10.55 8.66
N MET D 104 16.12 -10.60 9.29
CA MET D 104 15.84 -9.70 10.41
C MET D 104 16.70 -10.05 11.65
N GLU D 105 17.00 -11.32 11.86
CA GLU D 105 17.84 -11.73 12.99
C GLU D 105 19.27 -11.17 12.85
N ASN D 106 19.80 -11.17 11.62
CA ASN D 106 21.13 -10.59 11.37
C ASN D 106 21.16 -9.11 11.66
N ILE D 107 20.06 -8.43 11.35
CA ILE D 107 19.90 -7.03 11.66
C ILE D 107 19.77 -6.80 13.16
N HIS D 108 19.02 -7.66 13.86
CA HIS D 108 18.93 -7.60 15.33
C HIS D 108 20.34 -7.76 15.96
N SER D 109 21.06 -8.79 15.54
CA SER D 109 22.44 -9.05 16.00
C SER D 109 23.35 -7.87 15.75
N GLU D 110 23.23 -7.28 14.57
CA GLU D 110 24.00 -6.09 14.27
C GLU D 110 23.66 -4.92 15.18
N MET D 111 22.37 -4.73 15.46
CA MET D 111 21.92 -3.63 16.28
C MET D 111 22.52 -3.74 17.69
N TYR D 112 22.44 -4.94 18.25
CA TYR D 112 23.00 -5.19 19.57
C TYR D 112 24.52 -4.97 19.60
N SER D 113 25.20 -5.43 18.56
CA SER D 113 26.65 -5.32 18.47
C SER D 113 27.09 -3.87 18.29
N LEU D 114 26.26 -3.11 17.59
CA LEU D 114 26.49 -1.70 17.42
C LEU D 114 26.22 -0.95 18.73
N LEU D 115 25.21 -1.36 19.48
CA LEU D 115 25.00 -0.79 20.81
C LEU D 115 26.23 -1.06 21.70
N ILE D 116 26.70 -2.31 21.75
CA ILE D 116 27.94 -2.65 22.49
C ILE D 116 29.08 -1.73 22.07
N ASP D 117 29.30 -1.60 20.77
CA ASP D 117 30.43 -0.83 20.26
C ASP D 117 30.35 0.66 20.56
N THR D 118 29.14 1.18 20.60
CA THR D 118 28.89 2.57 20.90
C THR D 118 29.18 2.86 22.37
N TYR D 119 28.69 2.00 23.26
CA TYR D 119 28.81 2.21 24.69
C TYR D 119 30.17 1.77 25.26
N ILE D 120 30.78 0.77 24.65
CA ILE D 120 31.98 0.13 25.19
C ILE D 120 33.09 0.29 24.19
N LYS D 121 34.07 1.12 24.53
CA LYS D 121 35.19 1.39 23.62
C LYS D 121 36.33 0.37 23.73
N ASP D 122 36.54 -0.18 24.93
CA ASP D 122 37.62 -1.14 25.20
C ASP D 122 37.49 -2.46 24.41
N PRO D 123 38.43 -2.70 23.49
CA PRO D 123 38.38 -3.86 22.58
C PRO D 123 38.33 -5.23 23.30
N LYS D 124 38.97 -5.32 24.46
CA LYS D 124 38.96 -6.56 25.26
C LYS D 124 37.59 -6.82 25.84
N GLU D 125 36.91 -5.75 26.24
CA GLU D 125 35.56 -5.84 26.79
C GLU D 125 34.56 -6.17 25.69
N ARG D 126 34.73 -5.54 24.52
CA ARG D 126 33.90 -5.86 23.36
C ARG D 126 33.99 -7.35 23.03
N GLU D 127 35.21 -7.87 22.92
CA GLU D 127 35.44 -9.28 22.57
C GLU D 127 34.83 -10.24 23.59
N PHE D 128 35.04 -9.95 24.87
CA PHE D 128 34.38 -10.65 25.96
C PHE D 128 32.85 -10.73 25.72
N LEU D 129 32.24 -9.59 25.42
CA LEU D 129 30.78 -9.52 25.26
C LEU D 129 30.32 -10.26 23.98
N PHE D 130 31.04 -10.09 22.87
CA PHE D 130 30.72 -10.82 21.63
C PHE D 130 30.77 -12.35 21.77
N ASN D 131 31.65 -12.85 22.64
CA ASN D 131 31.83 -14.29 22.82
C ASN D 131 31.10 -14.83 24.05
N ALA D 132 29.96 -14.21 24.37
CA ALA D 132 29.18 -14.48 25.58
C ALA D 132 28.87 -15.96 25.83
N ILE D 133 28.61 -16.72 24.77
CA ILE D 133 28.29 -18.14 24.93
C ILE D 133 29.44 -18.87 25.66
N GLU D 134 30.67 -18.48 25.35
CA GLU D 134 31.86 -19.06 26.01
C GLU D 134 32.38 -18.29 27.21
N THR D 135 32.14 -16.98 27.27
CA THR D 135 32.74 -16.16 28.33
C THR D 135 31.85 -15.83 29.51
N MET D 136 30.54 -15.95 29.33
CA MET D 136 29.60 -15.46 30.34
C MET D 136 28.71 -16.58 30.89
N PRO D 137 28.94 -16.98 32.16
CA PRO D 137 28.16 -18.03 32.81
C PRO D 137 26.64 -17.77 32.85
N CYS D 138 26.23 -16.52 32.97
CA CYS D 138 24.80 -16.16 33.09
C CYS D 138 23.97 -16.63 31.89
N VAL D 139 24.63 -16.67 30.74
CA VAL D 139 24.04 -16.97 29.45
C VAL D 139 23.96 -18.46 29.15
N LYS D 140 24.74 -19.27 29.88
CA LYS D 140 24.95 -20.67 29.54
C LYS D 140 23.71 -21.56 29.53
N LYS D 141 22.88 -21.45 30.58
CA LYS D 141 21.72 -22.32 30.75
C LYS D 141 20.74 -22.16 29.58
N LYS D 142 20.43 -20.90 29.24
CA LYS D 142 19.57 -20.59 28.10
C LYS D 142 20.19 -20.99 26.78
N ALA D 143 21.48 -20.68 26.58
CA ALA D 143 22.17 -21.01 25.33
C ALA D 143 22.19 -22.52 25.08
N ASP D 144 22.60 -23.28 26.10
CA ASP D 144 22.61 -24.76 26.06
C ASP D 144 21.22 -25.35 25.75
N TRP D 145 20.20 -24.80 26.39
CA TRP D 145 18.81 -25.25 26.23
C TRP D 145 18.36 -25.10 24.78
N ALA D 146 18.54 -23.91 24.23
CA ALA D 146 18.18 -23.62 22.84
C ALA D 146 18.96 -24.52 21.89
N LEU D 147 20.28 -24.61 22.08
CA LEU D 147 21.15 -25.43 21.22
C LEU D 147 20.83 -26.92 21.25
N ARG D 148 20.37 -27.43 22.39
CA ARG D 148 19.94 -28.83 22.46
C ARG D 148 18.79 -29.12 21.52
N TRP D 149 17.87 -28.17 21.37
CA TRP D 149 16.73 -28.32 20.46
C TRP D 149 17.15 -28.30 18.98
N ILE D 150 18.30 -27.71 18.66
CA ILE D 150 18.83 -27.76 17.29
C ILE D 150 19.45 -29.15 17.03
N GLY D 151 20.25 -29.64 17.97
CA GLY D 151 20.87 -30.96 17.84
C GLY D 151 19.94 -32.16 18.08
N ASP D 152 18.74 -31.94 18.61
CA ASP D 152 17.81 -33.03 18.90
C ASP D 152 17.26 -33.65 17.63
N LYS D 153 17.72 -34.88 17.36
CA LYS D 153 17.35 -35.60 16.15
C LYS D 153 16.02 -36.33 16.29
N GLU D 154 15.50 -36.44 17.52
CA GLU D 154 14.22 -37.10 17.80
C GLU D 154 13.05 -36.12 17.75
N ALA D 155 13.21 -35.00 18.43
CA ALA D 155 12.10 -34.05 18.63
C ALA D 155 11.46 -33.66 17.30
N THR D 156 10.14 -33.66 17.29
CA THR D 156 9.39 -33.34 16.10
C THR D 156 9.37 -31.84 15.91
N TYR D 157 9.03 -31.43 14.70
CA TYR D 157 8.90 -30.03 14.38
C TYR D 157 7.93 -29.35 15.33
N GLY D 158 6.86 -30.07 15.70
CA GLY D 158 5.87 -29.56 16.65
C GLY D 158 6.47 -29.18 17.99
N GLU D 159 7.36 -30.04 18.49
CA GLU D 159 8.01 -29.78 19.77
C GLU D 159 9.07 -28.67 19.63
N ARG D 160 9.81 -28.68 18.52
CA ARG D 160 10.92 -27.74 18.33
C ARG D 160 10.42 -26.33 18.02
N VAL D 161 9.28 -26.23 17.33
CA VAL D 161 8.70 -24.93 17.08
C VAL D 161 8.18 -24.31 18.37
N VAL D 162 7.73 -25.15 19.31
CA VAL D 162 7.30 -24.66 20.62
C VAL D 162 8.52 -24.17 21.40
N ALA D 163 9.61 -24.92 21.34
CA ALA D 163 10.82 -24.59 22.08
C ALA D 163 11.38 -23.24 21.64
N PHE D 164 11.36 -23.00 20.32
CA PHE D 164 11.86 -21.72 19.81
C PHE D 164 10.94 -20.54 19.99
N ALA D 165 9.63 -20.82 20.09
CA ALA D 165 8.68 -19.80 20.57
C ALA D 165 8.99 -19.44 22.02
N ALA D 166 9.44 -20.42 22.80
CA ALA D 166 9.85 -20.18 24.19
C ALA D 166 11.15 -19.39 24.26
N VAL D 167 12.08 -19.67 23.36
CA VAL D 167 13.31 -18.89 23.27
C VAL D 167 12.95 -17.43 22.95
N GLU D 168 12.25 -17.21 21.84
CA GLU D 168 11.98 -15.85 21.40
C GLU D 168 10.93 -15.15 22.24
N GLY D 169 10.11 -15.92 22.96
CA GLY D 169 9.00 -15.40 23.74
C GLY D 169 9.17 -15.42 25.25
N ILE D 170 9.87 -16.39 25.79
CA ILE D 170 10.05 -16.45 27.25
C ILE D 170 11.46 -16.02 27.62
N PHE D 171 12.46 -16.58 26.94
CA PHE D 171 13.87 -16.28 27.21
C PHE D 171 14.22 -14.81 26.97
N PHE D 172 13.47 -14.13 26.12
CA PHE D 172 13.74 -12.72 25.82
C PHE D 172 12.88 -11.75 26.65
N SER D 173 11.78 -12.26 27.18
CA SER D 173 10.75 -11.43 27.81
C SER D 173 11.28 -10.61 28.99
N GLY D 174 12.06 -11.24 29.87
CA GLY D 174 12.63 -10.54 31.02
C GLY D 174 13.60 -9.45 30.60
N SER D 175 14.41 -9.72 29.60
CA SER D 175 15.36 -8.74 29.14
C SER D 175 14.64 -7.59 28.42
N PHE D 176 13.61 -7.91 27.63
CA PHE D 176 12.78 -6.86 26.99
C PHE D 176 12.15 -5.95 28.02
N ALA D 177 11.56 -6.56 29.05
CA ALA D 177 10.93 -5.80 30.14
C ALA D 177 11.94 -4.89 30.83
N SER D 178 13.17 -5.39 31.03
CA SER D 178 14.25 -4.62 31.65
C SER D 178 14.55 -3.33 30.92
N ILE D 179 14.54 -3.42 29.60
CA ILE D 179 14.87 -2.25 28.81
C ILE D 179 13.67 -1.30 28.78
N PHE D 180 12.46 -1.84 28.80
CA PHE D 180 11.29 -0.99 28.91
C PHE D 180 11.27 -0.26 30.27
N TRP D 181 11.79 -0.92 31.31
CA TRP D 181 12.00 -0.29 32.63
C TRP D 181 12.94 0.91 32.50
N LEU D 182 14.04 0.73 31.79
CA LEU D 182 14.95 1.85 31.51
C LEU D 182 14.24 2.99 30.77
N LYS D 183 13.31 2.65 29.88
CA LYS D 183 12.54 3.67 29.18
C LYS D 183 11.69 4.47 30.19
N LYS D 184 11.01 3.75 31.08
CA LYS D 184 10.23 4.38 32.14
C LYS D 184 11.07 5.33 33.00
N ARG D 185 12.36 5.02 33.14
CA ARG D 185 13.29 5.90 33.85
C ARG D 185 13.86 7.03 32.98
N GLY D 186 13.39 7.13 31.74
CA GLY D 186 13.81 8.18 30.81
C GLY D 186 15.24 8.06 30.32
N LEU D 187 15.78 6.84 30.34
CA LEU D 187 17.19 6.59 30.05
C LEU D 187 17.44 5.92 28.69
N MET D 188 18.37 6.49 27.94
CA MET D 188 18.93 5.96 26.69
C MET D 188 17.97 5.65 25.54
N PRO D 189 17.58 6.72 24.82
CA PRO D 189 16.59 6.70 23.74
C PRO D 189 16.91 5.65 22.66
N GLY D 190 18.17 5.54 22.25
CA GLY D 190 18.59 4.62 21.19
C GLY D 190 18.36 3.17 21.59
N LEU D 191 18.80 2.80 22.78
CA LEU D 191 18.54 1.48 23.34
C LEU D 191 17.05 1.16 23.40
N THR D 192 16.27 2.10 23.97
CA THR D 192 14.87 1.83 24.21
C THR D 192 14.06 1.82 22.90
N PHE D 193 14.44 2.64 21.93
CA PHE D 193 13.72 2.63 20.65
C PHE D 193 14.00 1.32 19.89
N SER D 194 15.28 0.94 19.79
CA SER D 194 15.66 -0.31 19.13
C SER D 194 15.00 -1.51 19.80
N ASN D 195 14.88 -1.44 21.14
CA ASN D 195 14.16 -2.45 21.91
C ASN D 195 12.67 -2.56 21.54
N GLU D 196 12.04 -1.44 21.21
CA GLU D 196 10.68 -1.45 20.68
C GLU D 196 10.58 -2.19 19.36
N LEU D 197 11.48 -1.88 18.43
CA LEU D 197 11.51 -2.55 17.15
C LEU D 197 11.77 -4.03 17.28
N ILE D 198 12.76 -4.38 18.08
CA ILE D 198 13.18 -5.78 18.23
C ILE D 198 12.14 -6.61 18.97
N SER D 199 11.61 -6.14 20.10
CA SER D 199 10.57 -6.92 20.78
C SER D 199 9.30 -7.06 19.93
N ARG D 200 8.97 -6.03 19.17
CA ARG D 200 7.89 -6.12 18.17
C ARG D 200 8.19 -7.27 17.19
N ASP D 201 9.37 -7.24 16.57
CA ASP D 201 9.77 -8.33 15.64
C ASP D 201 9.69 -9.71 16.28
N GLU D 202 10.21 -9.81 17.50
CA GLU D 202 10.22 -11.09 18.22
C GLU D 202 8.81 -11.56 18.59
N GLY D 203 7.94 -10.62 18.95
CA GLY D 203 6.52 -10.93 19.16
C GLY D 203 5.91 -11.51 17.89
N LEU D 204 6.22 -10.91 16.74
CA LEU D 204 5.74 -11.42 15.46
C LEU D 204 6.30 -12.82 15.16
N HIS D 205 7.58 -13.03 15.47
CA HIS D 205 8.17 -14.37 15.31
C HIS D 205 7.51 -15.43 16.17
N CYS D 206 7.09 -15.06 17.39
CA CYS D 206 6.37 -15.99 18.26
C CYS D 206 4.97 -16.25 17.75
N ASP D 207 4.29 -15.20 17.29
CA ASP D 207 2.97 -15.32 16.67
C ASP D 207 3.05 -16.28 15.47
N PHE D 208 4.11 -16.14 14.68
CA PHE D 208 4.28 -17.01 13.53
C PHE D 208 4.43 -18.44 13.98
N ALA D 209 5.25 -18.67 15.00
CA ALA D 209 5.42 -20.01 15.56
C ALA D 209 4.08 -20.63 15.98
N CYS D 210 3.21 -19.81 16.57
CA CYS D 210 1.91 -20.29 17.01
C CYS D 210 1.02 -20.63 15.85
N LEU D 211 1.07 -19.81 14.81
CA LEU D 211 0.37 -20.08 13.57
C LEU D 211 0.81 -21.38 12.91
N MET D 212 2.13 -21.60 12.82
CA MET D 212 2.66 -22.88 12.32
C MET D 212 2.17 -24.05 13.16
N PHE D 213 2.22 -23.87 14.47
CA PHE D 213 1.78 -24.91 15.39
C PHE D 213 0.33 -25.33 15.14
N LYS D 214 -0.55 -24.35 14.96
CA LYS D 214 -1.94 -24.60 14.68
C LYS D 214 -2.16 -25.36 13.37
N HIS D 215 -1.25 -25.19 12.41
CA HIS D 215 -1.36 -25.85 11.12
C HIS D 215 -0.88 -27.29 11.14
N LEU D 216 -0.39 -27.72 12.29
CA LEU D 216 0.07 -29.10 12.41
C LEU D 216 -1.09 -30.04 12.65
N VAL D 217 -0.98 -31.25 12.10
CA VAL D 217 -2.00 -32.28 12.26
C VAL D 217 -1.69 -33.09 13.53
N HIS D 218 -0.43 -33.48 13.71
CA HIS D 218 -0.03 -34.17 14.92
C HIS D 218 0.78 -33.27 15.85
N LYS D 219 0.08 -32.58 16.73
CA LYS D 219 0.68 -31.72 17.74
C LYS D 219 1.19 -32.53 18.92
N PRO D 220 2.23 -32.04 19.62
CA PRO D 220 2.53 -32.66 20.91
C PRO D 220 1.38 -32.39 21.87
N SER D 221 1.24 -33.22 22.91
CA SER D 221 0.15 -33.07 23.89
C SER D 221 0.31 -31.82 24.73
N GLU D 222 -0.79 -31.35 25.32
CA GLU D 222 -0.75 -30.23 26.25
C GLU D 222 0.29 -30.51 27.35
N GLU D 223 0.37 -31.77 27.78
CA GLU D 223 1.27 -32.16 28.85
C GLU D 223 2.72 -31.89 28.46
N ARG D 224 3.08 -32.35 27.27
CA ARG D 224 4.43 -32.20 26.72
C ARG D 224 4.80 -30.71 26.57
N VAL D 225 3.85 -29.91 26.11
CA VAL D 225 4.04 -28.48 25.92
C VAL D 225 4.23 -27.74 27.26
N ARG D 226 3.31 -27.99 28.21
CA ARG D 226 3.43 -27.50 29.57
C ARG D 226 4.83 -27.76 30.11
N GLU D 227 5.30 -28.98 29.92
CA GLU D 227 6.61 -29.40 30.38
C GLU D 227 7.74 -28.52 29.76
N ILE D 228 7.68 -28.30 28.46
CA ILE D 228 8.69 -27.49 27.77
C ILE D 228 8.63 -26.04 28.26
N ILE D 229 7.42 -25.49 28.29
CA ILE D 229 7.19 -24.10 28.67
C ILE D 229 7.56 -23.82 30.15
N ILE D 230 7.20 -24.73 31.05
CA ILE D 230 7.54 -24.60 32.48
C ILE D 230 9.06 -24.61 32.68
N ASN D 231 9.73 -25.58 32.04
CA ASN D 231 11.18 -25.64 32.05
C ASN D 231 11.80 -24.29 31.64
N ALA D 232 11.29 -23.70 30.55
CA ALA D 232 11.81 -22.42 30.04
C ALA D 232 11.64 -21.27 31.02
N VAL D 233 10.44 -21.19 31.61
CA VAL D 233 10.12 -20.20 32.63
C VAL D 233 11.09 -20.25 33.80
N ARG D 234 11.40 -21.46 34.27
CA ARG D 234 12.28 -21.65 35.44
C ARG D 234 13.70 -21.19 35.13
N ILE D 235 14.16 -21.51 33.92
CA ILE D 235 15.45 -21.03 33.46
C ILE D 235 15.48 -19.49 33.36
N GLU D 236 14.44 -18.90 32.78
CA GLU D 236 14.37 -17.45 32.64
C GLU D 236 14.32 -16.73 34.01
N GLN D 237 13.50 -17.24 34.90
CA GLN D 237 13.44 -16.74 36.28
C GLN D 237 14.78 -16.84 37.02
N GLU D 238 15.51 -17.93 36.80
CA GLU D 238 16.82 -18.11 37.39
C GLU D 238 17.79 -17.03 36.87
N PHE D 239 17.77 -16.83 35.55
CA PHE D 239 18.59 -15.82 34.90
C PHE D 239 18.34 -14.41 35.46
N LEU D 240 17.08 -14.05 35.64
CA LEU D 240 16.72 -12.69 36.06
C LEU D 240 16.79 -12.43 37.57
N THR D 241 16.87 -13.49 38.36
CA THR D 241 16.92 -13.32 39.81
C THR D 241 18.25 -13.74 40.41
N GLU D 242 18.95 -14.68 39.77
CA GLU D 242 20.22 -15.18 40.30
C GLU D 242 21.43 -14.83 39.44
N ALA D 243 21.39 -15.16 38.15
CA ALA D 243 22.57 -15.02 37.28
C ALA D 243 22.88 -13.56 36.93
N LEU D 244 21.82 -12.79 36.66
CA LEU D 244 21.95 -11.39 36.31
C LEU D 244 20.76 -10.67 36.92
N PRO D 245 20.81 -10.43 38.23
CA PRO D 245 19.62 -9.95 38.97
C PRO D 245 19.13 -8.62 38.43
N VAL D 246 17.82 -8.52 38.22
CA VAL D 246 17.19 -7.29 37.74
C VAL D 246 17.27 -6.16 38.78
N LYS D 247 17.56 -6.53 40.02
CA LYS D 247 17.88 -5.57 41.09
C LYS D 247 18.94 -4.56 40.66
N LEU D 248 19.90 -5.03 39.85
CA LEU D 248 21.01 -4.21 39.39
C LEU D 248 20.54 -2.94 38.68
N ILE D 249 19.33 -2.97 38.11
CA ILE D 249 18.77 -1.77 37.50
C ILE D 249 17.51 -1.27 38.22
N GLY D 250 17.33 -1.69 39.47
CA GLY D 250 16.26 -1.16 40.32
C GLY D 250 14.92 -1.88 40.22
N MET D 251 14.89 -3.06 39.59
CA MET D 251 13.63 -3.78 39.42
C MET D 251 13.37 -4.75 40.56
N ASN D 252 12.09 -5.03 40.77
CA ASN D 252 11.64 -5.99 41.75
C ASN D 252 11.69 -7.42 41.20
N CYS D 253 12.65 -8.20 41.71
CA CYS D 253 12.86 -9.59 41.29
C CYS D 253 11.60 -10.43 41.41
N THR D 254 10.86 -10.25 42.50
CA THR D 254 9.62 -11.00 42.74
C THR D 254 8.56 -10.74 41.67
N LEU D 255 8.31 -9.46 41.37
CA LEU D 255 7.34 -9.13 40.32
C LEU D 255 7.82 -9.58 38.93
N MET D 256 9.13 -9.53 38.71
CA MET D 256 9.73 -9.99 37.44
C MET D 256 9.45 -11.47 37.22
N LYS D 257 9.58 -12.28 38.27
CA LYS D 257 9.23 -13.69 38.22
C LYS D 257 7.78 -13.89 37.80
N GLN D 258 6.90 -13.03 38.29
CA GLN D 258 5.47 -13.11 37.99
C GLN D 258 5.22 -12.73 36.52
N TYR D 259 5.94 -11.73 36.04
CA TYR D 259 5.82 -11.29 34.64
C TYR D 259 6.12 -12.43 33.65
N ILE D 260 7.17 -13.20 33.93
CA ILE D 260 7.59 -14.32 33.08
C ILE D 260 6.50 -15.39 33.00
N GLU D 261 5.83 -15.64 34.13
CA GLU D 261 4.72 -16.59 34.18
C GLU D 261 3.48 -16.09 33.45
N PHE D 262 3.20 -14.79 33.54
CA PHE D 262 2.16 -14.16 32.74
C PHE D 262 2.44 -14.35 31.24
N VAL D 263 3.69 -14.11 30.85
CA VAL D 263 4.11 -14.24 29.44
C VAL D 263 3.91 -15.65 28.93
N ALA D 264 4.33 -16.62 29.73
CA ALA D 264 4.19 -18.03 29.43
C ALA D 264 2.70 -18.45 29.29
N ASP D 265 1.86 -17.96 30.21
CA ASP D 265 0.42 -18.20 30.12
C ASP D 265 -0.15 -17.72 28.80
N ARG D 266 0.23 -16.51 28.38
CA ARG D 266 -0.24 -15.94 27.12
C ARG D 266 0.25 -16.76 25.92
N LEU D 267 1.48 -17.24 25.98
CA LEU D 267 2.00 -18.14 24.95
C LEU D 267 1.19 -19.44 24.92
N MET D 268 0.87 -19.98 26.09
CA MET D 268 0.10 -21.22 26.19
C MET D 268 -1.27 -21.08 25.53
N LEU D 269 -1.96 -19.98 25.84
CA LEU D 269 -3.26 -19.66 25.24
C LEU D 269 -3.15 -19.50 23.73
N GLU D 270 -2.13 -18.76 23.29
CA GLU D 270 -1.89 -18.57 21.86
C GLU D 270 -1.58 -19.90 21.14
N LEU D 271 -0.97 -20.85 21.85
CA LEU D 271 -0.75 -22.19 21.31
C LEU D 271 -2.00 -23.10 21.35
N GLY D 272 -3.09 -22.57 21.93
CA GLY D 272 -4.37 -23.27 21.98
C GLY D 272 -4.52 -24.18 23.19
N PHE D 273 -3.76 -23.89 24.25
CA PHE D 273 -3.84 -24.68 25.48
C PHE D 273 -4.38 -23.83 26.65
N SER D 274 -4.36 -24.41 27.85
CA SER D 274 -4.80 -23.68 29.06
C SER D 274 -3.63 -23.01 29.77
N LYS D 275 -3.93 -21.88 30.42
CA LYS D 275 -2.97 -21.20 31.30
C LYS D 275 -2.38 -22.17 32.30
N VAL D 276 -1.19 -21.89 32.78
CA VAL D 276 -0.52 -22.80 33.70
C VAL D 276 -0.29 -22.19 35.09
N PHE D 277 -0.05 -20.88 35.12
CA PHE D 277 0.29 -20.21 36.39
C PHE D 277 -0.85 -19.36 36.90
N ARG D 278 -1.68 -18.85 35.99
CA ARG D 278 -2.86 -18.03 36.29
C ARG D 278 -2.54 -16.77 37.09
N VAL D 279 -1.39 -16.16 36.79
CA VAL D 279 -1.04 -14.89 37.42
C VAL D 279 -1.27 -13.70 36.49
N GLU D 280 -1.38 -12.55 37.13
CA GLU D 280 -1.55 -11.28 36.48
C GLU D 280 -0.24 -10.78 35.90
N ASN D 281 -0.32 -9.82 34.97
CA ASN D 281 0.83 -9.06 34.52
C ASN D 281 1.08 -7.95 35.53
N PRO D 282 2.23 -8.00 36.24
CA PRO D 282 2.51 -7.02 37.29
C PRO D 282 3.02 -5.69 36.75
N PHE D 283 3.39 -5.65 35.46
CA PHE D 283 4.02 -4.45 34.91
C PHE D 283 3.06 -3.67 34.01
N ASP D 284 2.68 -2.47 34.46
CA ASP D 284 1.79 -1.60 33.69
C ASP D 284 2.43 -1.15 32.40
N PHE D 285 3.77 -1.09 32.40
CA PHE D 285 4.52 -0.61 31.25
C PHE D 285 4.70 -1.67 30.14
N MET D 286 4.27 -2.91 30.41
CA MET D 286 4.29 -3.98 29.41
C MET D 286 2.87 -4.35 28.97
NA NA E . 31.38 -14.32 13.07
NA NA F . -23.40 22.39 -17.51
NA NA G . -18.12 8.12 11.82
NA NA H . 4.45 -22.41 -4.12
#